data_7Q24
#
_entry.id   7Q24
#
_cell.length_a   72.766
_cell.length_b   77.608
_cell.length_c   81.647
_cell.angle_alpha   88.931
_cell.angle_beta   64.553
_cell.angle_gamma   75.009
#
_symmetry.space_group_name_H-M   'P 1'
#
loop_
_entity.id
_entity.type
_entity.pdbx_description
1 polymer 'Angiotensin-converting enzyme'
2 branched 2-acetamido-2-deoxy-beta-D-glucopyranose-(1-4)-2-acetamido-2-deoxy-beta-D-glucopyranose
3 branched beta-D-mannopyranose-(1-4)-2-acetamido-2-deoxy-beta-D-glucopyranose-(1-4)-[alpha-L-fucopyranose-(1-6)]2-acetamido-2-deoxy-beta-D-glucopyranose
4 branched alpha-L-fucopyranose-(1-6)-2-acetamido-2-deoxy-beta-D-glucopyranose
5 non-polymer DI(HYDROXYETHYL)ETHER
6 non-polymer 3,6,9,12,15,18-HEXAOXAICOSANE-1,20-DIOL
7 non-polymer 'ACETATE ION'
8 non-polymer 1,2-ETHANEDIOL
9 non-polymer 'HEXAETHYLENE GLYCOL'
10 non-polymer 'ZINC ION'
11 non-polymer 'CHLORIDE ION'
12 non-polymer 'MAGNESIUM ION'
13 non-polymer '(2~{S})-2-[[(2~{S})-1-[[(2~{S})-3-(1~{H}-indol-3-yl)-1-oxidanyl-1-oxidanylidene-propan-2-yl]amino]-1-oxidanylidene-hexan-2-yl]amino]-4-phenyl-butanoic acid'
14 non-polymer 'TETRAETHYLENE GLYCOL'
15 non-polymer 2-acetamido-2-deoxy-beta-D-glucopyranose
16 water water
#
_entity_poly.entity_id   1
_entity_poly.type   'polypeptide(L)'
_entity_poly.pdbx_seq_one_letter_code
;LDPGLQPGQFSADEAGAQLFAQSYQSSAEQVLFQSVAASWAHDTNITAENARRQEEAALLSQEFAEAWGQKAKELYEPIW
QQFTDPQLRRIIGAVRTLGSANLPLAKRQQYNALLSQMSRIYSTAKVCLPQKTATCWSLDPDLTNILASSRSYAMLLFAW
EGWHNAAGIPLKPLYEDFTALSNEAYKQDGFTDTGAYWRSWYNSPTFEDDLEHLYQQLEPLYLNLHAFVRRALHRRYGDR
YINLRGPIPAHLLGDMWAQSWENIYDMVVPFPDKPNLDVTSTMLQQGWQATHMFRVAEEFFTSLELSPMPPEFWEGSMLE
KPADGREVVCHASAWDFYNRKDFRIKQCTRVTMDQLSTVHHEMGHIQYYLQYKDLPVSLRRGANPGFHEAIGDVLALSVS
TPEHLHKIGLLDRVTNDTESDINYLLKMALEKIAFLPFGYLVDQWRWGVFSGRTPPSRYNFDWWYLRTKYQGICPPVTRN
ETHFDAGAKFHVPNVTPYIRYFVSFVLQFQFHEALCKEAGYEGPLHQCDIYRSTKAGAKLRKVLRAGSSRPWQEVLKDMV
GLDALDAQPLLKYFQLVTQWLQEQNQQNGEVLGWPEYQWHPPLPDNYPEGIDLVTDEAEASKFVEEYDL
;
_entity_poly.pdbx_strand_id   A,B
#
# COMPACT_ATOMS: atom_id res chain seq x y z
N LEU A 1 29.20 16.78 30.03
CA LEU A 1 28.36 15.99 30.98
C LEU A 1 28.95 16.13 32.39
N ASP A 2 28.08 16.42 33.36
CA ASP A 2 28.54 16.53 34.73
C ASP A 2 29.40 15.33 35.08
N PRO A 3 30.55 15.53 35.75
CA PRO A 3 31.37 14.36 36.12
C PRO A 3 30.59 13.30 36.87
N GLY A 4 29.70 13.70 37.78
CA GLY A 4 28.90 12.74 38.51
C GLY A 4 27.91 11.96 37.66
N LEU A 5 27.65 12.41 36.43
CA LEU A 5 26.73 11.74 35.53
C LEU A 5 27.45 10.86 34.52
N GLN A 6 28.80 10.82 34.55
CA GLN A 6 29.57 10.07 33.57
C GLN A 6 29.80 8.64 34.03
N PRO A 7 29.86 7.70 33.09
CA PRO A 7 30.10 6.30 33.46
C PRO A 7 31.56 6.05 33.81
N GLY A 8 31.79 5.25 34.84
CA GLY A 8 33.11 4.82 35.22
C GLY A 8 33.53 3.58 34.45
N GLN A 9 34.37 2.78 35.09
CA GLN A 9 34.81 1.51 34.54
C GLN A 9 34.15 0.37 35.30
N PHE A 10 33.78 -0.68 34.58
CA PHE A 10 33.14 -1.85 35.17
C PHE A 10 33.74 -3.09 34.53
N SER A 11 33.76 -4.17 35.29
CA SER A 11 34.24 -5.44 34.75
C SER A 11 33.40 -5.84 33.55
N ALA A 12 34.05 -6.43 32.54
CA ALA A 12 33.38 -6.87 31.32
C ALA A 12 32.76 -8.25 31.51
N ASP A 13 31.92 -8.36 32.54
CA ASP A 13 31.19 -9.59 32.83
C ASP A 13 29.88 -9.22 33.50
N GLU A 14 29.05 -10.24 33.73
CA GLU A 14 27.68 -9.98 34.17
C GLU A 14 27.65 -9.30 35.54
N ALA A 15 28.57 -9.68 36.43
CA ALA A 15 28.59 -9.06 37.75
C ALA A 15 28.87 -7.57 37.65
N GLY A 16 29.75 -7.18 36.73
CA GLY A 16 30.00 -5.77 36.51
C GLY A 16 28.83 -5.07 35.83
N ALA A 17 28.12 -5.79 34.95
CA ALA A 17 26.95 -5.20 34.31
C ALA A 17 25.87 -4.88 35.33
N GLN A 18 25.76 -5.68 36.40
CA GLN A 18 24.80 -5.37 37.45
C GLN A 18 25.15 -4.05 38.13
N LEU A 19 26.43 -3.87 38.47
CA LEU A 19 26.88 -2.59 39.03
C LEU A 19 26.79 -1.48 37.99
N PHE A 20 27.03 -1.80 36.72
CA PHE A 20 26.84 -0.82 35.66
C PHE A 20 25.40 -0.32 35.62
N ALA A 21 24.43 -1.23 35.74
CA ALA A 21 23.04 -0.85 35.71
C ALA A 21 22.66 -0.04 36.95
N GLN A 22 23.23 -0.40 38.10
CA GLN A 22 22.97 0.36 39.32
C GLN A 22 23.47 1.80 39.19
N SER A 23 24.72 1.97 38.74
CA SER A 23 25.25 3.32 38.56
C SER A 23 24.50 4.07 37.48
N TYR A 24 24.08 3.37 36.43
CA TYR A 24 23.25 3.99 35.40
C TYR A 24 21.96 4.53 35.99
N GLN A 25 21.29 3.71 36.81
CA GLN A 25 20.01 4.13 37.38
C GLN A 25 20.16 5.40 38.21
N SER A 26 21.21 5.45 39.05
CA SER A 26 21.42 6.63 39.88
C SER A 26 21.53 7.89 39.04
N SER A 27 22.37 7.85 38.00
CA SER A 27 22.56 9.03 37.16
C SER A 27 21.38 9.23 36.20
N ALA A 28 20.83 8.13 35.67
CA ALA A 28 19.76 8.26 34.69
C ALA A 28 18.53 8.93 35.29
N GLU A 29 18.20 8.61 36.54
CA GLU A 29 17.04 9.24 37.18
C GLU A 29 17.20 10.75 37.23
N GLN A 30 18.41 11.24 37.47
CA GLN A 30 18.64 12.67 37.51
C GLN A 30 18.49 13.30 36.12
N VAL A 31 18.96 12.61 35.08
CA VAL A 31 18.88 13.15 33.73
C VAL A 31 17.46 13.09 33.22
N LEU A 32 16.73 12.02 33.53
CA LEU A 32 15.34 11.94 33.15
C LEU A 32 14.51 13.01 33.87
N PHE A 33 14.76 13.21 35.16
CA PHE A 33 13.99 14.19 35.92
C PHE A 33 14.14 15.58 35.31
N GLN A 34 15.38 16.04 35.14
CA GLN A 34 15.59 17.39 34.59
C GLN A 34 14.97 17.52 33.21
N SER A 35 14.98 16.45 32.41
CA SER A 35 14.36 16.49 31.10
C SER A 35 12.83 16.60 31.22
N VAL A 36 12.22 15.74 32.03
CA VAL A 36 10.77 15.77 32.18
C VAL A 36 10.33 17.09 32.80
N ALA A 37 11.09 17.60 33.76
CA ALA A 37 10.76 18.88 34.37
C ALA A 37 10.78 20.00 33.35
N ALA A 38 11.81 20.04 32.49
CA ALA A 38 11.90 21.08 31.48
C ALA A 38 10.76 20.95 30.47
N SER A 39 10.37 19.72 30.14
CA SER A 39 9.22 19.53 29.27
C SER A 39 7.94 19.99 29.95
N TRP A 40 7.82 19.74 31.25
CA TRP A 40 6.62 20.16 31.97
C TRP A 40 6.51 21.68 32.01
N ALA A 41 7.62 22.36 32.31
CA ALA A 41 7.60 23.82 32.36
C ALA A 41 7.18 24.42 31.03
N HIS A 42 7.54 23.79 29.92
CA HIS A 42 7.15 24.28 28.61
C HIS A 42 5.68 23.99 28.32
N ASP A 43 5.28 22.73 28.51
CA ASP A 43 3.93 22.31 28.13
C ASP A 43 2.85 22.96 28.99
N THR A 44 3.19 23.43 30.19
CA THR A 44 2.26 24.14 31.05
C THR A 44 2.42 25.67 30.94
N ASN A 45 3.21 26.14 29.99
CA ASN A 45 3.58 27.55 29.93
C ASN A 45 4.46 27.77 28.70
N ILE A 46 3.86 27.66 27.52
CA ILE A 46 4.60 27.67 26.26
C ILE A 46 5.22 29.05 26.05
N THR A 47 6.53 29.15 26.28
CA THR A 47 7.29 30.36 25.98
C THR A 47 8.55 29.96 25.22
N ALA A 48 9.17 30.94 24.58
CA ALA A 48 10.43 30.68 23.89
C ALA A 48 11.53 30.36 24.89
N GLU A 49 11.54 31.03 26.04
CA GLU A 49 12.55 30.76 27.05
C GLU A 49 12.40 29.36 27.62
N ASN A 50 11.16 28.87 27.78
CA ASN A 50 10.97 27.51 28.25
C ASN A 50 11.25 26.50 27.16
N ALA A 51 10.96 26.84 25.90
CA ALA A 51 11.33 25.96 24.79
C ALA A 51 12.84 25.85 24.68
N ARG A 52 13.54 26.97 24.87
CA ARG A 52 14.99 26.96 24.85
C ARG A 52 15.55 26.10 25.97
N ARG A 53 14.97 26.20 27.17
CA ARG A 53 15.40 25.35 28.29
C ARG A 53 15.11 23.88 28.01
N GLN A 54 14.03 23.59 27.30
CA GLN A 54 13.68 22.20 27.01
C GLN A 54 14.65 21.59 26.00
N GLU A 55 15.06 22.37 25.00
CA GLU A 55 15.99 21.85 24.01
C GLU A 55 17.36 21.56 24.62
N GLU A 56 17.79 22.41 25.56
CA GLU A 56 19.06 22.17 26.23
C GLU A 56 18.98 20.94 27.13
N ALA A 57 17.83 20.70 27.76
CA ALA A 57 17.68 19.49 28.56
C ALA A 57 17.71 18.25 27.68
N ALA A 58 17.14 18.34 26.48
CA ALA A 58 17.20 17.23 25.55
C ALA A 58 18.64 16.96 25.11
N LEU A 59 19.41 18.02 24.88
CA LEU A 59 20.82 17.84 24.52
C LEU A 59 21.57 17.10 25.62
N LEU A 60 21.32 17.47 26.88
CA LEU A 60 21.98 16.79 27.99
C LEU A 60 21.63 15.31 28.01
N SER A 61 20.35 14.98 27.76
CA SER A 61 19.93 13.58 27.76
C SER A 61 20.64 12.81 26.65
N GLN A 62 20.82 13.44 25.48
CA GLN A 62 21.51 12.77 24.39
C GLN A 62 22.98 12.57 24.73
N GLU A 63 23.61 13.56 25.36
CA GLU A 63 24.98 13.40 25.83
C GLU A 63 25.09 12.25 26.83
N PHE A 64 24.15 12.16 27.77
CA PHE A 64 24.12 11.06 28.71
C PHE A 64 23.97 9.72 27.99
N ALA A 65 23.00 9.63 27.08
CA ALA A 65 22.75 8.37 26.40
C ALA A 65 23.94 7.94 25.55
N GLU A 66 24.69 8.91 25.01
CA GLU A 66 25.85 8.56 24.20
C GLU A 66 26.96 7.98 25.07
N ALA A 67 27.27 8.62 26.19
CA ALA A 67 28.37 8.17 27.04
C ALA A 67 28.09 6.80 27.63
N TRP A 68 26.84 6.56 28.08
CA TRP A 68 26.52 5.26 28.67
C TRP A 68 26.21 4.22 27.61
N GLY A 69 25.63 4.63 26.48
CA GLY A 69 25.39 3.69 25.40
C GLY A 69 26.69 3.13 24.83
N GLN A 70 27.67 4.00 24.60
CA GLN A 70 28.94 3.54 24.04
C GLN A 70 29.77 2.80 25.09
N LYS A 71 29.59 3.11 26.37
CA LYS A 71 30.26 2.34 27.41
C LYS A 71 29.68 0.94 27.52
N ALA A 72 28.35 0.83 27.43
CA ALA A 72 27.71 -0.49 27.50
C ALA A 72 28.16 -1.37 26.34
N LYS A 73 28.36 -0.77 25.15
CA LYS A 73 28.87 -1.54 24.03
C LYS A 73 30.30 -2.00 24.27
N GLU A 74 31.19 -1.06 24.58
CA GLU A 74 32.60 -1.38 24.79
C GLU A 74 32.76 -2.55 25.75
N LEU A 75 31.96 -2.59 26.82
CA LEU A 75 32.15 -3.56 27.89
C LEU A 75 31.34 -4.83 27.71
N TYR A 76 30.18 -4.77 27.05
CA TYR A 76 29.22 -5.86 27.12
C TYR A 76 28.62 -6.25 25.77
N GLU A 77 29.18 -5.79 24.66
CA GLU A 77 28.58 -6.09 23.36
C GLU A 77 28.52 -7.58 23.08
N PRO A 78 29.57 -8.36 23.29
CA PRO A 78 29.52 -9.79 22.94
C PRO A 78 28.96 -10.72 23.98
N ILE A 79 28.51 -10.22 25.13
CA ILE A 79 28.13 -11.07 26.25
C ILE A 79 26.78 -10.70 26.83
N TRP A 80 26.24 -9.52 26.52
CA TRP A 80 25.01 -9.09 27.16
C TRP A 80 23.83 -9.97 26.75
N GLN A 81 23.84 -10.48 25.52
CA GLN A 81 22.73 -11.30 25.06
C GLN A 81 22.66 -12.64 25.78
N GLN A 82 23.70 -13.03 26.51
CA GLN A 82 23.76 -14.34 27.15
C GLN A 82 23.72 -14.24 28.67
N PHE A 83 23.39 -13.07 29.22
CA PHE A 83 23.36 -12.92 30.67
C PHE A 83 22.32 -13.85 31.29
N THR A 84 22.60 -14.29 32.52
CA THR A 84 21.65 -15.12 33.25
C THR A 84 20.46 -14.31 33.75
N ASP A 85 20.70 -13.06 34.15
CA ASP A 85 19.65 -12.20 34.67
C ASP A 85 18.83 -11.64 33.52
N PRO A 86 17.58 -12.09 33.34
CA PRO A 86 16.82 -11.61 32.18
C PRO A 86 16.46 -10.15 32.26
N GLN A 87 16.15 -9.64 33.45
CA GLN A 87 15.90 -8.21 33.60
C GLN A 87 17.14 -7.41 33.23
N LEU A 88 18.31 -7.92 33.55
CA LEU A 88 19.55 -7.23 33.20
C LEU A 88 19.80 -7.26 31.70
N ARG A 89 19.42 -8.34 31.01
CA ARG A 89 19.48 -8.34 29.56
C ARG A 89 18.62 -7.21 28.99
N ARG A 90 17.45 -6.97 29.57
CA ARG A 90 16.58 -5.93 29.05
C ARG A 90 17.14 -4.55 29.35
N ILE A 91 17.75 -4.36 30.53
CA ILE A 91 18.35 -3.06 30.84
C ILE A 91 19.45 -2.74 29.85
N ILE A 92 20.40 -3.67 29.66
CA ILE A 92 21.52 -3.41 28.77
C ILE A 92 21.02 -3.13 27.36
N GLY A 93 20.09 -3.96 26.87
CA GLY A 93 19.56 -3.75 25.53
C GLY A 93 19.03 -2.34 25.33
N ALA A 94 18.37 -1.79 26.35
CA ALA A 94 17.85 -0.43 26.23
C ALA A 94 18.98 0.60 26.26
N VAL A 95 19.97 0.42 27.14
CA VAL A 95 21.01 1.42 27.30
C VAL A 95 21.84 1.54 26.02
N ARG A 96 22.08 0.43 25.33
CA ARG A 96 22.91 0.46 24.13
C ARG A 96 22.17 0.99 22.91
N THR A 97 20.88 1.30 23.02
CA THR A 97 20.13 1.91 21.93
C THR A 97 20.25 3.43 22.09
N LEU A 98 21.01 4.05 21.20
CA LEU A 98 21.31 5.47 21.33
C LEU A 98 20.22 6.37 20.74
N GLY A 99 19.52 5.90 19.72
CA GLY A 99 18.49 6.73 19.10
C GLY A 99 19.09 8.02 18.58
N SER A 100 18.45 9.14 18.93
CA SER A 100 18.90 10.44 18.44
C SER A 100 20.32 10.77 18.91
N ALA A 101 20.82 10.09 19.95
CA ALA A 101 22.18 10.32 20.40
C ALA A 101 23.21 9.83 19.38
N ASN A 102 22.80 9.07 18.36
CA ASN A 102 23.71 8.69 17.29
C ASN A 102 24.02 9.87 16.37
N LEU A 103 23.22 10.92 16.42
CA LEU A 103 23.41 12.05 15.52
C LEU A 103 24.59 12.91 15.98
N PRO A 104 25.33 13.50 15.05
CA PRO A 104 26.30 14.53 15.45
C PRO A 104 25.62 15.71 16.10
N LEU A 105 26.40 16.49 16.84
CA LEU A 105 25.85 17.58 17.64
C LEU A 105 24.92 18.47 16.81
N ALA A 106 25.41 18.97 15.67
CA ALA A 106 24.61 19.88 14.87
C ALA A 106 23.25 19.30 14.56
N LYS A 107 23.20 18.03 14.18
CA LYS A 107 21.93 17.40 13.85
C LYS A 107 21.11 17.10 15.10
N ARG A 108 21.77 16.84 16.23
CA ARG A 108 21.03 16.72 17.48
C ARG A 108 20.24 17.99 17.76
N GLN A 109 20.89 19.14 17.60
CA GLN A 109 20.21 20.42 17.81
C GLN A 109 19.09 20.64 16.79
N GLN A 110 19.35 20.31 15.53
N GLN A 110 19.33 20.27 15.53
CA GLN A 110 18.28 20.34 14.53
CA GLN A 110 18.27 20.36 14.54
C GLN A 110 17.12 19.46 14.97
C GLN A 110 17.11 19.43 14.89
N TYR A 111 17.42 18.24 15.41
CA TYR A 111 16.38 17.30 15.82
C TYR A 111 15.56 17.85 16.97
N ASN A 112 16.24 18.35 18.01
CA ASN A 112 15.53 18.86 19.17
C ASN A 112 14.72 20.11 18.83
N ALA A 113 15.25 20.95 17.94
CA ALA A 113 14.53 22.16 17.55
C ALA A 113 13.26 21.81 16.78
N LEU A 114 13.32 20.80 15.90
CA LEU A 114 12.15 20.43 15.12
C LEU A 114 11.03 19.91 16.03
N LEU A 115 11.36 19.01 16.95
CA LEU A 115 10.35 18.53 17.88
C LEU A 115 9.71 19.68 18.65
N SER A 116 10.53 20.63 19.10
N SER A 116 10.53 20.63 19.10
CA SER A 116 10.02 21.78 19.83
CA SER A 116 9.99 21.77 19.84
C SER A 116 9.11 22.63 18.96
C SER A 116 9.10 22.64 18.95
N GLN A 117 9.56 22.92 17.73
CA GLN A 117 8.76 23.77 16.84
C GLN A 117 7.49 23.07 16.40
N MET A 118 7.56 21.77 16.10
CA MET A 118 6.36 21.05 15.69
C MET A 118 5.33 21.01 16.82
N SER A 119 5.78 20.78 18.05
CA SER A 119 4.88 20.79 19.19
C SER A 119 4.27 22.16 19.40
N ARG A 120 5.08 23.22 19.25
N ARG A 120 5.08 23.21 19.25
CA ARG A 120 4.57 24.56 19.48
CA ARG A 120 4.60 24.57 19.47
C ARG A 120 3.58 24.97 18.41
C ARG A 120 3.58 24.97 18.41
N ILE A 121 3.78 24.54 17.17
CA ILE A 121 2.85 24.88 16.09
C ILE A 121 1.50 24.21 16.35
N TYR A 122 1.51 22.93 16.70
CA TYR A 122 0.25 22.21 16.88
C TYR A 122 -0.57 22.82 18.01
N SER A 123 0.08 23.08 19.15
CA SER A 123 -0.63 23.49 20.35
C SER A 123 -0.94 24.97 20.40
N THR A 124 -0.40 25.77 19.47
CA THR A 124 -0.72 27.20 19.43
C THR A 124 -1.53 27.59 18.20
N ALA A 125 -1.83 26.63 17.31
CA ALA A 125 -2.63 26.95 16.14
C ALA A 125 -4.01 27.46 16.56
N LYS A 126 -4.57 28.34 15.72
CA LYS A 126 -5.87 28.94 15.95
C LYS A 126 -6.62 29.02 14.64
N VAL A 127 -7.95 29.04 14.75
CA VAL A 127 -8.83 29.24 13.60
C VAL A 127 -9.50 30.60 13.81
N CYS A 128 -8.98 31.63 13.14
CA CYS A 128 -9.52 32.97 13.28
C CYS A 128 -10.61 33.21 12.25
N LEU A 129 -11.64 33.95 12.66
CA LEU A 129 -12.81 34.18 11.82
C LEU A 129 -12.59 35.39 10.91
N THR A 133 -11.20 39.31 12.10
CA THR A 133 -10.00 38.49 12.17
C THR A 133 -9.46 38.40 13.59
N ALA A 134 -10.02 39.22 14.49
CA ALA A 134 -9.55 39.24 15.87
C ALA A 134 -10.03 38.01 16.62
N THR A 135 -11.31 37.67 16.50
CA THR A 135 -11.84 36.49 17.17
C THR A 135 -11.17 35.24 16.62
N CYS A 136 -10.59 34.43 17.52
CA CYS A 136 -9.86 33.24 17.12
C CYS A 136 -10.21 32.09 18.05
N TRP A 137 -10.42 30.91 17.46
CA TRP A 137 -10.81 29.71 18.18
C TRP A 137 -9.62 28.78 18.34
N SER A 138 -9.48 28.19 19.51
CA SER A 138 -8.47 27.18 19.78
C SER A 138 -9.07 25.78 19.61
N LEU A 139 -8.19 24.80 19.42
CA LEU A 139 -8.65 23.43 19.32
C LEU A 139 -9.44 23.03 20.56
N ASP A 140 -8.86 23.28 21.73
CA ASP A 140 -9.45 22.91 23.01
C ASP A 140 -9.65 24.18 23.82
N PRO A 141 -10.89 24.56 24.18
CA PRO A 141 -12.18 23.86 23.99
C PRO A 141 -12.96 24.23 22.72
N ASP A 142 -12.62 25.36 22.09
CA ASP A 142 -13.50 25.95 21.09
C ASP A 142 -13.87 24.98 19.97
N LEU A 143 -12.89 24.61 19.14
CA LEU A 143 -13.18 23.76 17.99
C LEU A 143 -13.70 22.39 18.42
N THR A 144 -13.19 21.86 19.53
CA THR A 144 -13.67 20.57 20.04
C THR A 144 -15.19 20.62 20.28
N ASN A 145 -15.68 21.70 20.90
CA ASN A 145 -17.10 21.78 21.19
C ASN A 145 -17.92 21.96 19.90
N ILE A 146 -17.38 22.70 18.93
CA ILE A 146 -18.07 22.84 17.66
C ILE A 146 -18.27 21.48 17.00
N LEU A 147 -17.18 20.72 16.85
CA LEU A 147 -17.30 19.40 16.24
C LEU A 147 -18.25 18.50 17.02
N ALA A 148 -18.33 18.67 18.33
CA ALA A 148 -19.08 17.75 19.18
C ALA A 148 -20.57 18.11 19.29
N SER A 149 -20.90 19.40 19.31
N SER A 149 -20.90 19.40 19.31
CA SER A 149 -22.27 19.82 19.61
CA SER A 149 -22.26 19.83 19.61
C SER A 149 -22.97 20.52 18.45
C SER A 149 -22.95 20.56 18.47
N SER A 150 -22.23 20.96 17.43
CA SER A 150 -22.84 21.62 16.29
C SER A 150 -23.38 20.60 15.31
N ARG A 151 -24.52 20.93 14.69
CA ARG A 151 -25.11 20.11 13.63
C ARG A 151 -25.30 20.93 12.36
N SER A 152 -24.65 22.07 12.25
CA SER A 152 -24.64 22.86 11.03
C SER A 152 -23.51 22.35 10.13
N TYR A 153 -23.88 21.83 8.96
CA TYR A 153 -22.87 21.33 8.04
C TYR A 153 -21.83 22.39 7.74
N ALA A 154 -22.26 23.65 7.58
CA ALA A 154 -21.32 24.71 7.22
C ALA A 154 -20.43 25.10 8.40
N MET A 155 -21.00 25.17 9.60
CA MET A 155 -20.19 25.51 10.77
C MET A 155 -19.20 24.40 11.08
N LEU A 156 -19.64 23.15 11.00
CA LEU A 156 -18.73 22.02 11.18
C LEU A 156 -17.64 22.03 10.12
N LEU A 157 -18.00 22.35 8.88
CA LEU A 157 -17.01 22.41 7.82
C LEU A 157 -15.99 23.52 8.07
N PHE A 158 -16.45 24.68 8.55
CA PHE A 158 -15.54 25.77 8.83
C PHE A 158 -14.52 25.37 9.89
N ALA A 159 -14.96 24.67 10.93
CA ALA A 159 -14.04 24.26 11.99
C ALA A 159 -13.10 23.17 11.49
N TRP A 160 -13.64 22.16 10.78
CA TRP A 160 -12.80 21.07 10.28
C TRP A 160 -11.73 21.59 9.34
N GLU A 161 -12.13 22.37 8.33
CA GLU A 161 -11.18 22.91 7.37
C GLU A 161 -10.23 23.88 8.05
N GLY A 162 -10.76 24.77 8.88
CA GLY A 162 -9.91 25.73 9.56
C GLY A 162 -8.80 25.06 10.35
N TRP A 163 -9.15 24.04 11.13
CA TRP A 163 -8.14 23.40 11.98
C TRP A 163 -7.09 22.69 11.14
N HIS A 164 -7.52 21.89 10.16
CA HIS A 164 -6.57 21.12 9.38
C HIS A 164 -5.62 22.02 8.60
N ASN A 165 -6.13 23.15 8.10
CA ASN A 165 -5.27 24.10 7.41
C ASN A 165 -4.30 24.79 8.38
N ALA A 166 -4.79 25.20 9.55
CA ALA A 166 -3.97 26.00 10.45
C ALA A 166 -2.85 25.17 11.06
N ALA A 167 -3.12 23.93 11.43
CA ALA A 167 -2.11 23.08 12.05
C ALA A 167 -1.27 22.31 11.04
N GLY A 168 -1.90 21.78 9.99
CA GLY A 168 -1.19 20.87 9.10
C GLY A 168 -0.20 21.57 8.20
N ILE A 169 -0.62 22.66 7.56
CA ILE A 169 0.19 23.26 6.49
C ILE A 169 1.57 23.67 6.99
N PRO A 170 1.70 24.47 8.05
CA PRO A 170 3.04 24.87 8.50
C PRO A 170 3.88 23.73 9.04
N LEU A 171 3.30 22.56 9.31
CA LEU A 171 4.07 21.46 9.89
C LEU A 171 4.82 20.66 8.83
N LYS A 172 4.33 20.64 7.59
CA LYS A 172 4.85 19.69 6.61
C LYS A 172 6.35 19.80 6.40
N PRO A 173 6.92 20.96 6.08
CA PRO A 173 8.38 21.01 5.87
C PRO A 173 9.17 20.57 7.09
N LEU A 174 8.67 20.83 8.30
CA LEU A 174 9.35 20.38 9.50
C LEU A 174 9.29 18.86 9.64
N TYR A 175 8.12 18.27 9.33
CA TYR A 175 7.99 16.82 9.49
C TYR A 175 8.89 16.08 8.51
N GLU A 176 9.11 16.64 7.32
N GLU A 176 9.11 16.64 7.32
CA GLU A 176 10.04 16.03 6.37
CA GLU A 176 10.03 16.04 6.37
C GLU A 176 11.44 15.98 6.95
C GLU A 176 11.44 15.99 6.94
N ASP A 177 11.91 17.10 7.51
CA ASP A 177 13.25 17.15 8.07
C ASP A 177 13.38 16.21 9.26
N PHE A 178 12.36 16.16 10.11
CA PHE A 178 12.42 15.28 11.28
C PHE A 178 12.51 13.82 10.86
N THR A 179 11.75 13.43 9.84
CA THR A 179 11.74 12.03 9.42
C THR A 179 13.12 11.60 8.94
N ALA A 180 13.79 12.45 8.17
CA ALA A 180 15.12 12.12 7.67
C ALA A 180 16.11 11.98 8.83
N LEU A 181 16.06 12.89 9.79
CA LEU A 181 16.96 12.81 10.93
C LEU A 181 16.64 11.60 11.80
N SER A 182 15.35 11.33 12.01
CA SER A 182 14.97 10.18 12.84
C SER A 182 15.49 8.88 12.23
N ASN A 183 15.30 8.72 10.91
CA ASN A 183 15.80 7.51 10.25
C ASN A 183 17.33 7.43 10.34
N GLU A 184 18.02 8.54 10.08
CA GLU A 184 19.47 8.54 10.17
C GLU A 184 19.92 8.11 11.56
N ALA A 185 19.21 8.54 12.59
CA ALA A 185 19.62 8.22 13.96
C ALA A 185 19.47 6.73 14.25
N TYR A 186 18.32 6.15 13.88
CA TYR A 186 18.05 4.77 14.25
C TYR A 186 18.65 3.76 13.28
N LYS A 187 19.01 4.19 12.06
CA LYS A 187 19.75 3.29 11.19
C LYS A 187 21.10 2.92 11.78
N GLN A 188 21.68 3.81 12.59
CA GLN A 188 22.92 3.51 13.27
C GLN A 188 22.74 2.56 14.45
N ASP A 189 21.49 2.33 14.88
CA ASP A 189 21.20 1.31 15.88
C ASP A 189 20.91 -0.05 15.25
N GLY A 190 20.90 -0.14 13.92
CA GLY A 190 20.70 -1.39 13.22
C GLY A 190 19.32 -1.58 12.62
N PHE A 191 18.46 -0.58 12.71
CA PHE A 191 17.10 -0.69 12.19
C PHE A 191 17.03 -0.12 10.79
N THR A 192 16.19 -0.74 9.95
CA THR A 192 16.04 -0.24 8.58
C THR A 192 15.44 1.17 8.57
N ASP A 193 14.57 1.47 9.52
CA ASP A 193 14.00 2.81 9.65
C ASP A 193 13.40 2.94 11.04
N THR A 194 12.92 4.15 11.34
CA THR A 194 12.34 4.40 12.67
C THR A 194 11.13 3.53 12.92
N GLY A 195 10.30 3.31 11.90
CA GLY A 195 9.14 2.44 12.06
C GLY A 195 9.52 1.04 12.53
N ALA A 196 10.65 0.52 12.03
CA ALA A 196 11.08 -0.80 12.45
C ALA A 196 11.46 -0.81 13.92
N TYR A 197 12.09 0.27 14.39
CA TYR A 197 12.39 0.37 15.81
C TYR A 197 11.11 0.42 16.64
N TRP A 198 10.13 1.22 16.20
CA TRP A 198 8.87 1.30 16.93
C TRP A 198 8.18 -0.05 17.02
N ARG A 199 8.15 -0.79 15.91
CA ARG A 199 7.50 -2.09 15.91
C ARG A 199 8.25 -3.12 16.75
N SER A 200 9.56 -2.94 16.94
CA SER A 200 10.34 -3.92 17.69
C SER A 200 9.95 -3.96 19.16
N TRP A 201 9.27 -2.94 19.67
CA TRP A 201 8.88 -2.93 21.08
C TRP A 201 7.93 -4.07 21.41
N TYR A 202 7.25 -4.64 20.42
CA TYR A 202 6.29 -5.71 20.65
C TYR A 202 6.92 -7.08 20.56
N ASN A 203 8.21 -7.16 20.22
CA ASN A 203 8.97 -8.42 20.18
C ASN A 203 8.13 -9.55 19.60
N SER A 204 7.68 -9.34 18.37
CA SER A 204 6.90 -10.32 17.64
C SER A 204 7.32 -10.31 16.18
N PRO A 205 7.90 -11.41 15.66
CA PRO A 205 8.28 -11.40 14.24
C PRO A 205 7.09 -11.32 13.30
N THR A 206 5.88 -11.62 13.77
CA THR A 206 4.68 -11.62 12.96
C THR A 206 3.74 -10.47 13.32
N PHE A 207 4.30 -9.35 13.80
CA PHE A 207 3.48 -8.29 14.36
C PHE A 207 2.45 -7.80 13.35
N GLU A 208 2.90 -7.37 12.16
CA GLU A 208 1.97 -6.78 11.20
C GLU A 208 0.96 -7.81 10.69
N ASP A 209 1.40 -9.07 10.53
CA ASP A 209 0.46 -10.11 10.13
C ASP A 209 -0.57 -10.37 11.23
N ASP A 210 -0.14 -10.33 12.50
CA ASP A 210 -1.07 -10.56 13.60
C ASP A 210 -2.08 -9.43 13.71
N LEU A 211 -1.65 -8.20 13.43
CA LEU A 211 -2.57 -7.07 13.45
C LEU A 211 -3.60 -7.17 12.34
N GLU A 212 -3.16 -7.54 11.13
CA GLU A 212 -4.11 -7.65 10.02
C GLU A 212 -5.13 -8.73 10.29
N HIS A 213 -4.72 -9.86 10.87
N HIS A 213 -4.70 -9.86 10.85
CA HIS A 213 -5.66 -10.92 11.17
CA HIS A 213 -5.64 -10.93 11.19
C HIS A 213 -6.66 -10.49 12.23
C HIS A 213 -6.67 -10.47 12.21
N LEU A 214 -6.23 -9.69 13.20
CA LEU A 214 -7.16 -9.16 14.19
C LEU A 214 -8.17 -8.23 13.54
N TYR A 215 -7.71 -7.34 12.67
CA TYR A 215 -8.63 -6.40 12.05
C TYR A 215 -9.63 -7.09 11.14
N GLN A 216 -9.23 -8.18 10.48
CA GLN A 216 -10.17 -8.92 9.65
C GLN A 216 -11.36 -9.43 10.45
N GLN A 217 -11.15 -9.79 11.72
CA GLN A 217 -12.27 -10.25 12.54
C GLN A 217 -13.14 -9.09 12.99
N LEU A 218 -12.57 -7.90 13.11
CA LEU A 218 -13.29 -6.75 13.62
C LEU A 218 -13.99 -5.94 12.54
N GLU A 219 -13.48 -6.00 11.30
CA GLU A 219 -14.01 -5.13 10.25
C GLU A 219 -15.51 -5.31 10.02
N PRO A 220 -16.07 -6.51 10.01
CA PRO A 220 -17.54 -6.61 9.86
C PRO A 220 -18.30 -5.78 10.88
N LEU A 221 -17.84 -5.74 12.12
CA LEU A 221 -18.51 -4.94 13.14
C LEU A 221 -18.48 -3.46 12.77
N TYR A 222 -17.32 -2.97 12.32
CA TYR A 222 -17.24 -1.56 11.94
C TYR A 222 -18.10 -1.27 10.72
N LEU A 223 -18.10 -2.19 9.74
CA LEU A 223 -18.89 -1.94 8.53
C LEU A 223 -20.37 -1.78 8.85
N ASN A 224 -20.89 -2.60 9.77
CA ASN A 224 -22.31 -2.52 10.11
C ASN A 224 -22.62 -1.27 10.92
N LEU A 225 -21.75 -0.91 11.87
CA LEU A 225 -21.92 0.35 12.58
C LEU A 225 -21.86 1.52 11.61
N HIS A 226 -20.91 1.47 10.67
CA HIS A 226 -20.75 2.54 9.69
C HIS A 226 -22.03 2.74 8.89
N ALA A 227 -22.60 1.65 8.36
CA ALA A 227 -23.80 1.76 7.56
C ALA A 227 -24.99 2.27 8.37
N PHE A 228 -25.08 1.86 9.64
CA PHE A 228 -26.17 2.31 10.49
C PHE A 228 -26.07 3.79 10.79
N VAL A 229 -24.88 4.27 11.13
CA VAL A 229 -24.67 5.68 11.42
C VAL A 229 -24.86 6.53 10.17
N ARG A 230 -24.34 6.07 9.03
CA ARG A 230 -24.50 6.80 7.78
C ARG A 230 -25.97 7.03 7.46
N ARG A 231 -26.80 6.00 7.65
CA ARG A 231 -28.23 6.14 7.45
C ARG A 231 -28.81 7.19 8.39
N ALA A 232 -28.38 7.20 9.65
CA ALA A 232 -28.89 8.19 10.60
C ALA A 232 -28.52 9.60 10.18
N LEU A 233 -27.29 9.79 9.71
CA LEU A 233 -26.87 11.10 9.22
C LEU A 233 -27.65 11.50 7.97
N HIS A 234 -27.96 10.53 7.10
CA HIS A 234 -28.71 10.84 5.88
C HIS A 234 -30.08 11.41 6.20
N ARG A 235 -30.69 10.98 7.30
CA ARG A 235 -32.01 11.49 7.66
C ARG A 235 -31.95 12.91 8.21
N ARG A 236 -30.79 13.36 8.67
CA ARG A 236 -30.60 14.73 9.16
C ARG A 236 -30.02 15.66 8.11
N TYR A 237 -29.08 15.21 7.30
CA TYR A 237 -28.35 16.08 6.38
C TYR A 237 -28.82 15.98 4.94
N GLY A 238 -29.56 14.94 4.58
CA GLY A 238 -30.16 14.85 3.27
C GLY A 238 -29.30 14.14 2.25
N ASP A 239 -29.90 13.90 1.08
CA ASP A 239 -29.23 13.16 0.03
C ASP A 239 -28.11 13.94 -0.63
N ARG A 240 -28.05 15.26 -0.42
CA ARG A 240 -27.02 16.08 -1.04
C ARG A 240 -25.69 15.95 -0.32
N TYR A 241 -25.69 15.77 1.00
CA TYR A 241 -24.47 15.74 1.80
C TYR A 241 -24.14 14.36 2.35
N ILE A 242 -25.01 13.37 2.18
CA ILE A 242 -24.74 12.01 2.63
C ILE A 242 -25.05 11.07 1.46
N ASN A 243 -24.05 10.29 1.07
CA ASN A 243 -24.20 9.28 0.02
C ASN A 243 -24.30 7.93 0.71
N LEU A 244 -25.47 7.31 0.63
CA LEU A 244 -25.71 6.04 1.32
C LEU A 244 -24.88 4.90 0.76
N ARG A 245 -24.15 5.11 -0.33
CA ARG A 245 -23.24 4.10 -0.87
C ARG A 245 -21.81 4.61 -0.94
N GLY A 246 -21.51 5.71 -0.25
CA GLY A 246 -20.19 6.29 -0.29
C GLY A 246 -19.66 6.61 1.10
N PRO A 247 -18.44 7.13 1.17
CA PRO A 247 -17.86 7.47 2.47
C PRO A 247 -18.64 8.60 3.14
N ILE A 248 -18.49 8.67 4.46
CA ILE A 248 -19.14 9.70 5.27
C ILE A 248 -18.23 10.92 5.31
N PRO A 249 -18.75 12.13 5.09
CA PRO A 249 -17.90 13.32 5.24
C PRO A 249 -17.29 13.38 6.64
N ALA A 250 -15.97 13.62 6.68
CA ALA A 250 -15.17 13.39 7.88
C ALA A 250 -15.46 14.36 9.02
N HIS A 251 -16.32 15.35 8.83
CA HIS A 251 -16.55 16.37 9.84
C HIS A 251 -17.90 16.22 10.55
N LEU A 252 -18.64 15.14 10.26
CA LEU A 252 -20.01 15.00 10.73
C LEU A 252 -20.17 13.95 11.82
N LEU A 253 -19.09 13.43 12.38
CA LEU A 253 -19.16 12.30 13.30
C LEU A 253 -18.88 12.70 14.74
N GLY A 254 -18.84 13.99 15.04
CA GLY A 254 -18.72 14.46 16.40
C GLY A 254 -17.32 14.73 16.89
N ASP A 255 -16.30 14.43 16.08
CA ASP A 255 -14.91 14.48 16.50
C ASP A 255 -14.07 15.03 15.35
N MET A 256 -13.04 15.81 15.70
CA MET A 256 -12.23 16.46 14.67
C MET A 256 -11.59 15.44 13.73
N TRP A 257 -11.34 14.23 14.23
CA TRP A 257 -10.67 13.19 13.44
C TRP A 257 -11.60 12.01 13.15
N ALA A 258 -12.89 12.15 13.43
CA ALA A 258 -13.87 11.08 13.22
C ALA A 258 -13.42 9.79 13.89
N GLN A 259 -12.71 9.91 15.01
CA GLN A 259 -12.11 8.75 15.66
C GLN A 259 -12.99 8.16 16.75
N SER A 260 -13.86 8.97 17.36
CA SER A 260 -14.86 8.50 18.30
C SER A 260 -16.19 9.13 17.93
N TRP A 261 -17.23 8.31 17.81
CA TRP A 261 -18.53 8.79 17.35
C TRP A 261 -19.53 8.97 18.49
N GLU A 262 -19.06 9.02 19.74
CA GLU A 262 -19.98 9.10 20.86
C GLU A 262 -20.85 10.34 20.81
N ASN A 263 -20.33 11.45 20.29
CA ASN A 263 -21.06 12.72 20.34
C ASN A 263 -22.32 12.72 19.46
N ILE A 264 -22.44 11.78 18.52
CA ILE A 264 -23.65 11.69 17.70
C ILE A 264 -24.60 10.62 18.21
N TYR A 265 -24.38 10.12 19.43
CA TYR A 265 -25.24 9.08 20.00
C TYR A 265 -26.71 9.51 19.95
N ASP A 266 -27.00 10.78 20.24
CA ASP A 266 -28.39 11.22 20.27
C ASP A 266 -29.10 10.98 18.93
N MET A 267 -28.35 10.97 17.83
CA MET A 267 -28.91 10.77 16.51
C MET A 267 -29.09 9.30 16.13
N VAL A 268 -28.47 8.38 16.87
CA VAL A 268 -28.54 6.97 16.52
C VAL A 268 -29.16 6.12 17.63
N VAL A 269 -29.43 6.66 18.81
CA VAL A 269 -29.98 5.88 19.92
C VAL A 269 -31.28 5.23 19.48
N PRO A 270 -31.36 3.90 19.43
CA PRO A 270 -32.58 3.26 18.90
C PRO A 270 -33.79 3.33 19.83
N PHE A 271 -33.59 3.37 21.15
CA PHE A 271 -34.70 3.32 22.10
C PHE A 271 -34.61 4.50 23.07
N PRO A 272 -34.96 5.70 22.59
CA PRO A 272 -34.83 6.89 23.43
C PRO A 272 -35.72 6.90 24.67
N ASP A 273 -36.75 6.05 24.73
CA ASP A 273 -37.59 5.99 25.92
C ASP A 273 -36.87 5.38 27.12
N LYS A 274 -35.72 4.77 26.92
CA LYS A 274 -34.93 4.19 28.00
C LYS A 274 -34.06 5.27 28.62
N PRO A 275 -33.45 5.00 29.78
CA PRO A 275 -32.64 6.05 30.42
C PRO A 275 -31.55 6.58 29.51
N ASN A 276 -31.31 7.89 29.59
CA ASN A 276 -30.32 8.54 28.74
C ASN A 276 -28.93 8.25 29.30
N LEU A 277 -28.14 7.48 28.55
CA LEU A 277 -26.83 7.05 29.00
C LEU A 277 -25.76 8.12 28.83
N ASP A 278 -26.04 9.20 28.12
CA ASP A 278 -25.15 10.35 28.06
C ASP A 278 -25.45 11.23 29.26
N VAL A 279 -24.62 11.13 30.29
CA VAL A 279 -24.92 11.75 31.58
C VAL A 279 -24.25 13.13 31.67
N THR A 280 -23.76 13.64 30.53
CA THR A 280 -23.14 14.96 30.53
C THR A 280 -24.07 16.02 31.12
N SER A 281 -25.33 16.05 30.64
CA SER A 281 -26.27 17.04 31.14
C SER A 281 -26.45 16.91 32.65
N THR A 282 -26.42 15.69 33.17
CA THR A 282 -26.57 15.51 34.60
C THR A 282 -25.34 15.99 35.36
N MET A 283 -24.14 15.70 34.82
CA MET A 283 -22.92 16.21 35.44
C MET A 283 -22.97 17.73 35.55
N LEU A 284 -23.37 18.41 34.48
CA LEU A 284 -23.49 19.86 34.53
C LEU A 284 -24.55 20.29 35.53
N GLN A 285 -25.74 19.71 35.45
CA GLN A 285 -26.81 20.06 36.38
C GLN A 285 -26.36 19.89 37.82
N GLN A 286 -25.59 18.84 38.11
CA GLN A 286 -25.15 18.58 39.48
C GLN A 286 -23.92 19.41 39.88
N GLY A 287 -23.31 20.12 38.93
CA GLY A 287 -22.18 20.96 39.28
C GLY A 287 -20.85 20.26 39.31
N TRP A 288 -20.67 19.20 38.52
CA TRP A 288 -19.38 18.52 38.47
C TRP A 288 -18.30 19.47 37.96
N GLN A 289 -17.12 19.37 38.54
CA GLN A 289 -15.96 20.12 38.12
C GLN A 289 -14.79 19.16 37.93
N ALA A 290 -13.67 19.69 37.44
CA ALA A 290 -12.52 18.85 37.10
C ALA A 290 -12.08 18.00 38.28
N THR A 291 -11.83 18.65 39.43
CA THR A 291 -11.24 17.92 40.55
C THR A 291 -12.16 16.79 41.02
N HIS A 292 -13.48 16.96 40.86
CA HIS A 292 -14.41 15.89 41.23
C HIS A 292 -14.26 14.68 40.34
N MET A 293 -14.15 14.92 39.03
CA MET A 293 -13.94 13.81 38.09
C MET A 293 -12.70 13.02 38.44
N PHE A 294 -11.63 13.70 38.85
CA PHE A 294 -10.40 13.00 39.22
C PHE A 294 -10.55 12.27 40.55
N ARG A 295 -11.31 12.82 41.49
CA ARG A 295 -11.51 12.13 42.77
C ARG A 295 -12.41 10.91 42.58
N VAL A 296 -13.43 11.01 41.74
CA VAL A 296 -14.26 9.85 41.46
C VAL A 296 -13.43 8.75 40.80
N ALA A 297 -12.53 9.13 39.89
CA ALA A 297 -11.66 8.15 39.26
C ALA A 297 -10.74 7.52 40.29
N GLU A 298 -10.10 8.34 41.12
CA GLU A 298 -9.22 7.82 42.16
C GLU A 298 -9.94 6.84 43.06
N GLU A 299 -11.19 7.14 43.41
CA GLU A 299 -11.91 6.29 44.36
C GLU A 299 -12.17 4.91 43.79
N PHE A 300 -12.38 4.81 42.48
CA PHE A 300 -12.47 3.49 41.85
C PHE A 300 -11.18 2.71 42.05
N PHE A 301 -10.04 3.35 41.80
CA PHE A 301 -8.76 2.66 41.94
C PHE A 301 -8.56 2.16 43.36
N THR A 302 -8.86 3.00 44.35
CA THR A 302 -8.67 2.58 45.74
C THR A 302 -9.69 1.53 46.15
N SER A 303 -10.85 1.48 45.49
CA SER A 303 -11.81 0.42 45.79
C SER A 303 -11.24 -0.96 45.46
N LEU A 304 -10.30 -1.01 44.51
CA LEU A 304 -9.62 -2.24 44.15
C LEU A 304 -8.37 -2.49 44.98
N GLU A 305 -8.15 -1.69 46.02
CA GLU A 305 -6.93 -1.75 46.83
C GLU A 305 -5.70 -1.36 46.05
N LEU A 306 -5.87 -0.54 45.01
CA LEU A 306 -4.74 0.09 44.33
C LEU A 306 -4.43 1.42 45.01
N SER A 307 -3.34 2.05 44.59
CA SER A 307 -2.85 3.19 45.35
C SER A 307 -3.66 4.44 45.04
N PRO A 308 -3.89 5.31 46.04
CA PRO A 308 -4.45 6.62 45.74
C PRO A 308 -3.41 7.52 45.09
N MET A 309 -3.88 8.67 44.61
CA MET A 309 -2.96 9.65 44.05
C MET A 309 -2.18 10.32 45.18
N PRO A 310 -0.87 10.45 45.07
CA PRO A 310 -0.10 11.04 46.17
C PRO A 310 -0.33 12.53 46.28
N PRO A 311 0.04 13.13 47.41
CA PRO A 311 -0.08 14.60 47.52
C PRO A 311 0.62 15.34 46.39
N GLU A 312 1.79 14.86 45.97
CA GLU A 312 2.53 15.51 44.90
C GLU A 312 1.71 15.59 43.61
N PHE A 313 0.80 14.64 43.42
CA PHE A 313 -0.05 14.66 42.23
C PHE A 313 -1.07 15.80 42.29
N TRP A 314 -1.71 15.98 43.45
CA TRP A 314 -2.74 17.02 43.56
C TRP A 314 -2.12 18.42 43.57
N GLU A 315 -0.91 18.55 44.12
CA GLU A 315 -0.26 19.86 44.19
C GLU A 315 0.38 20.25 42.87
N GLY A 316 0.80 19.28 42.06
CA GLY A 316 1.58 19.58 40.86
C GLY A 316 0.82 19.51 39.56
N SER A 317 -0.33 18.84 39.57
CA SER A 317 -1.05 18.58 38.32
C SER A 317 -1.74 19.84 37.80
N MET A 318 -1.91 19.88 36.49
CA MET A 318 -2.71 20.90 35.82
C MET A 318 -3.97 20.21 35.32
N LEU A 319 -5.06 20.35 36.06
CA LEU A 319 -6.30 19.64 35.76
C LEU A 319 -7.32 20.52 35.04
N GLU A 320 -7.00 21.79 34.80
CA GLU A 320 -7.88 22.71 34.10
C GLU A 320 -7.03 23.63 33.24
N LYS A 321 -7.60 24.05 32.11
CA LYS A 321 -6.92 25.03 31.27
C LYS A 321 -6.67 26.30 32.06
N PRO A 322 -5.44 26.80 32.13
CA PRO A 322 -5.19 28.05 32.86
C PRO A 322 -5.99 29.20 32.30
N ALA A 323 -6.51 30.04 33.19
CA ALA A 323 -7.27 31.22 32.82
C ALA A 323 -6.44 32.50 32.86
N ASP A 324 -5.15 32.41 33.21
CA ASP A 324 -4.27 33.56 33.12
C ASP A 324 -3.76 33.67 31.69
N GLY A 325 -2.70 34.45 31.48
CA GLY A 325 -2.16 34.64 30.14
C GLY A 325 -1.12 33.61 29.76
N ARG A 326 -1.48 32.33 29.88
CA ARG A 326 -0.57 31.22 29.59
C ARG A 326 -1.09 30.42 28.41
N GLU A 327 -0.21 30.10 27.48
CA GLU A 327 -0.48 29.09 26.47
C GLU A 327 0.01 27.74 26.98
N VAL A 328 -0.80 26.71 26.75
CA VAL A 328 -0.52 25.38 27.25
C VAL A 328 -0.77 24.34 26.17
N VAL A 329 -0.17 23.17 26.34
CA VAL A 329 -0.53 21.99 25.57
C VAL A 329 -1.73 21.36 26.26
N CYS A 330 -2.90 21.46 25.65
CA CYS A 330 -4.12 20.98 26.30
C CYS A 330 -4.33 19.48 26.12
N HIS A 331 -3.67 18.84 25.17
CA HIS A 331 -3.83 17.41 24.99
C HIS A 331 -3.48 16.68 26.28
N ALA A 332 -4.44 15.90 26.79
CA ALA A 332 -4.28 15.24 28.07
C ALA A 332 -3.10 14.28 28.07
N SER A 333 -2.37 14.24 29.18
CA SER A 333 -1.20 13.38 29.29
C SER A 333 -0.85 13.16 30.76
N ALA A 334 -0.22 12.01 31.03
CA ALA A 334 0.16 11.59 32.37
C ALA A 334 1.69 11.50 32.45
N TRP A 335 2.26 12.09 33.50
CA TRP A 335 3.69 12.39 33.55
C TRP A 335 4.37 11.65 34.69
N ASP A 336 5.45 10.93 34.35
CA ASP A 336 6.34 10.30 35.31
C ASP A 336 7.66 11.06 35.27
N PHE A 337 8.05 11.63 36.41
CA PHE A 337 9.29 12.40 36.49
C PHE A 337 10.48 11.56 36.89
N TYR A 338 10.31 10.24 37.07
CA TYR A 338 11.40 9.30 37.28
C TYR A 338 12.22 9.62 38.53
N ASN A 339 11.61 10.27 39.51
CA ASN A 339 12.19 10.45 40.84
C ASN A 339 11.43 9.67 41.90
N ARG A 340 10.45 8.86 41.50
CA ARG A 340 9.68 8.01 42.40
C ARG A 340 8.83 8.82 43.38
N LYS A 341 8.59 10.09 43.08
CA LYS A 341 7.81 10.96 43.96
C LYS A 341 6.82 11.81 43.16
N ASP A 342 7.27 12.43 42.08
CA ASP A 342 6.45 13.36 41.32
C ASP A 342 5.75 12.63 40.18
N PHE A 343 4.42 12.66 40.21
CA PHE A 343 3.57 12.12 39.16
C PHE A 343 2.44 13.11 38.96
N ARG A 344 2.16 13.45 37.70
CA ARG A 344 1.20 14.51 37.42
C ARG A 344 0.42 14.22 36.16
N ILE A 345 -0.79 14.77 36.09
CA ILE A 345 -1.59 14.79 34.88
C ILE A 345 -1.73 16.23 34.41
N LYS A 346 -1.61 16.43 33.10
CA LYS A 346 -1.84 17.73 32.46
C LYS A 346 -3.03 17.55 31.53
N GLN A 347 -4.15 18.19 31.87
CA GLN A 347 -5.37 18.02 31.09
C GLN A 347 -6.22 19.28 31.20
N CYS A 348 -6.71 19.77 30.06
CA CYS A 348 -7.66 20.88 30.03
C CYS A 348 -9.07 20.31 30.17
N THR A 349 -9.36 19.82 31.38
CA THR A 349 -10.54 19.01 31.61
C THR A 349 -11.82 19.80 31.35
N ARG A 350 -12.74 19.17 30.62
CA ARG A 350 -14.08 19.69 30.41
C ARG A 350 -15.07 18.74 31.06
N VAL A 351 -16.18 19.28 31.55
CA VAL A 351 -17.18 18.48 32.26
C VAL A 351 -18.10 17.80 31.26
N THR A 352 -17.71 16.60 30.83
CA THR A 352 -18.51 15.79 29.93
C THR A 352 -18.30 14.33 30.29
N MET A 353 -19.19 13.47 29.78
CA MET A 353 -19.04 12.04 30.03
C MET A 353 -17.78 11.49 29.39
N ASP A 354 -17.49 11.88 28.14
CA ASP A 354 -16.29 11.39 27.48
C ASP A 354 -15.03 11.86 28.20
N GLN A 355 -15.05 13.07 28.75
CA GLN A 355 -13.91 13.55 29.52
C GLN A 355 -13.73 12.75 30.81
N LEU A 356 -14.82 12.22 31.37
CA LEU A 356 -14.67 11.36 32.54
C LEU A 356 -13.90 10.10 32.19
N SER A 357 -14.17 9.51 31.02
CA SER A 357 -13.38 8.37 30.57
C SER A 357 -11.91 8.77 30.35
N THR A 358 -11.68 9.92 29.73
CA THR A 358 -10.32 10.39 29.54
C THR A 358 -9.58 10.51 30.87
N VAL A 359 -10.25 11.04 31.89
CA VAL A 359 -9.66 11.11 33.23
C VAL A 359 -9.23 9.72 33.69
N HIS A 360 -10.10 8.73 33.51
CA HIS A 360 -9.75 7.36 33.92
C HIS A 360 -8.57 6.85 33.11
N HIS A 361 -8.56 7.13 31.80
CA HIS A 361 -7.45 6.72 30.96
C HIS A 361 -6.13 7.26 31.50
N GLU A 362 -6.08 8.57 31.76
CA GLU A 362 -4.85 9.19 32.23
C GLU A 362 -4.46 8.68 33.61
N MET A 363 -5.44 8.52 34.51
CA MET A 363 -5.11 8.01 35.83
C MET A 363 -4.64 6.57 35.78
N GLY A 364 -5.05 5.81 34.76
CA GLY A 364 -4.48 4.49 34.54
C GLY A 364 -2.97 4.54 34.36
N HIS A 365 -2.47 5.56 33.64
CA HIS A 365 -1.03 5.72 33.50
C HIS A 365 -0.37 6.00 34.85
N ILE A 366 -0.94 6.94 35.61
CA ILE A 366 -0.37 7.28 36.90
C ILE A 366 -0.28 6.04 37.77
N GLN A 367 -1.36 5.23 37.79
CA GLN A 367 -1.37 4.04 38.62
C GLN A 367 -0.24 3.10 38.23
N TYR A 368 -0.05 2.89 36.92
CA TYR A 368 1.10 2.13 36.44
C TYR A 368 2.40 2.72 36.98
N TYR A 369 2.59 4.03 36.81
CA TYR A 369 3.80 4.67 37.33
C TYR A 369 4.00 4.37 38.80
N LEU A 370 2.92 4.50 39.59
CA LEU A 370 3.02 4.30 41.03
C LEU A 370 3.36 2.85 41.38
N GLN A 371 2.91 1.89 40.57
CA GLN A 371 3.10 0.49 40.92
C GLN A 371 4.50 -0.01 40.59
N TYR A 372 5.13 0.49 39.52
CA TYR A 372 6.45 0.02 39.14
C TYR A 372 7.56 1.03 39.42
N LYS A 373 7.30 2.00 40.32
CA LYS A 373 8.28 3.06 40.55
C LYS A 373 9.56 2.55 41.20
N ASP A 374 9.53 1.36 41.80
CA ASP A 374 10.71 0.81 42.46
C ASP A 374 11.55 -0.07 41.54
N LEU A 375 11.07 -0.35 40.33
CA LEU A 375 11.87 -1.11 39.38
C LEU A 375 13.03 -0.27 38.86
N PRO A 376 14.07 -0.90 38.32
CA PRO A 376 15.10 -0.14 37.61
C PRO A 376 14.48 0.75 36.56
N VAL A 377 15.04 1.95 36.40
CA VAL A 377 14.41 2.97 35.57
C VAL A 377 14.12 2.43 34.17
N SER A 378 14.99 1.56 33.64
CA SER A 378 14.79 1.04 32.29
C SER A 378 13.56 0.13 32.20
N LEU A 379 13.11 -0.44 33.31
CA LEU A 379 11.96 -1.33 33.32
C LEU A 379 10.66 -0.61 33.68
N ARG A 380 10.70 0.72 33.81
CA ARG A 380 9.52 1.50 34.21
C ARG A 380 8.75 1.86 32.95
N ARG A 381 8.03 0.87 32.45
CA ARG A 381 7.16 1.05 31.29
C ARG A 381 6.22 -0.16 31.25
N GLY A 382 5.28 -0.12 30.31
CA GLY A 382 4.36 -1.22 30.17
C GLY A 382 5.05 -2.47 29.63
N ALA A 383 4.42 -3.62 29.89
CA ALA A 383 4.91 -4.86 29.29
C ALA A 383 5.09 -4.67 27.79
N ASN A 384 4.11 -4.03 27.15
CA ASN A 384 4.32 -3.35 25.88
C ASN A 384 3.50 -2.06 25.93
N PRO A 385 3.70 -1.13 25.02
CA PRO A 385 2.98 0.16 25.13
C PRO A 385 1.46 0.02 25.13
N GLY A 386 0.93 -1.05 24.54
CA GLY A 386 -0.51 -1.26 24.57
C GLY A 386 -1.03 -1.52 25.97
N PHE A 387 -0.27 -2.25 26.79
CA PHE A 387 -0.66 -2.45 28.18
C PHE A 387 -0.89 -1.11 28.88
N HIS A 388 0.05 -0.19 28.72
CA HIS A 388 -0.06 1.10 29.41
C HIS A 388 -1.34 1.81 29.02
N GLU A 389 -1.71 1.74 27.74
CA GLU A 389 -2.90 2.44 27.25
C GLU A 389 -4.20 1.77 27.65
N ALA A 390 -4.15 0.54 28.18
CA ALA A 390 -5.36 -0.22 28.46
C ALA A 390 -5.82 -0.14 29.90
N ILE A 391 -4.94 0.21 30.84
CA ILE A 391 -5.28 0.11 32.26
C ILE A 391 -6.51 0.95 32.58
N GLY A 392 -6.46 2.25 32.29
CA GLY A 392 -7.56 3.12 32.63
C GLY A 392 -8.83 2.79 31.88
N ASP A 393 -8.70 2.34 30.64
CA ASP A 393 -9.88 2.01 29.83
C ASP A 393 -10.62 0.80 30.39
N VAL A 394 -9.90 -0.15 30.98
CA VAL A 394 -10.56 -1.31 31.57
C VAL A 394 -11.48 -0.87 32.71
N LEU A 395 -11.00 0.03 33.56
CA LEU A 395 -11.82 0.53 34.65
C LEU A 395 -13.01 1.32 34.11
N ALA A 396 -12.79 2.12 33.07
CA ALA A 396 -13.90 2.92 32.53
C ALA A 396 -14.99 2.03 31.95
N LEU A 397 -14.64 0.82 31.52
CA LEU A 397 -15.67 -0.11 31.05
C LEU A 397 -16.65 -0.46 32.16
N SER A 398 -16.19 -0.54 33.40
CA SER A 398 -17.09 -0.76 34.53
C SER A 398 -17.82 0.51 34.91
N VAL A 399 -17.12 1.65 34.89
CA VAL A 399 -17.72 2.91 35.28
C VAL A 399 -18.87 3.28 34.36
N SER A 400 -18.78 2.92 33.08
N SER A 400 -18.77 2.92 33.07
CA SER A 400 -19.81 3.29 32.12
CA SER A 400 -19.80 3.28 32.10
C SER A 400 -21.05 2.43 32.20
C SER A 400 -21.06 2.44 32.23
N THR A 401 -21.02 1.33 32.95
CA THR A 401 -22.20 0.48 33.04
C THR A 401 -23.35 1.26 33.66
N PRO A 402 -24.59 1.07 33.17
CA PRO A 402 -25.71 1.78 33.79
C PRO A 402 -25.82 1.58 35.29
N GLU A 403 -25.48 0.39 35.80
CA GLU A 403 -25.59 0.14 37.22
C GLU A 403 -24.58 0.96 38.01
N HIS A 404 -23.36 1.09 37.49
CA HIS A 404 -22.36 1.89 38.20
C HIS A 404 -22.68 3.38 38.12
N LEU A 405 -23.09 3.85 36.94
CA LEU A 405 -23.52 5.25 36.83
C LEU A 405 -24.62 5.55 37.85
N HIS A 406 -25.52 4.60 38.08
CA HIS A 406 -26.56 4.78 39.08
C HIS A 406 -25.96 4.91 40.47
N LYS A 407 -24.92 4.11 40.78
CA LYS A 407 -24.34 4.15 42.10
C LYS A 407 -23.68 5.50 42.40
N ILE A 408 -23.07 6.12 41.38
CA ILE A 408 -22.38 7.39 41.60
C ILE A 408 -23.31 8.56 41.32
N GLY A 409 -24.62 8.30 41.24
CA GLY A 409 -25.60 9.35 41.20
C GLY A 409 -25.76 10.05 39.87
N LEU A 410 -25.34 9.43 38.77
CA LEU A 410 -25.46 10.03 37.45
C LEU A 410 -26.60 9.45 36.63
N LEU A 411 -27.30 8.45 37.15
CA LEU A 411 -28.39 7.80 36.42
C LEU A 411 -29.45 7.40 37.44
N ASP A 412 -30.61 8.04 37.39
CA ASP A 412 -31.64 7.78 38.40
C ASP A 412 -32.31 6.43 38.16
N ARG A 413 -32.71 6.17 36.92
CA ARG A 413 -33.38 4.92 36.56
C ARG A 413 -32.37 3.94 36.03
N VAL A 414 -32.34 2.73 36.58
CA VAL A 414 -31.52 1.64 36.08
C VAL A 414 -32.45 0.55 35.60
N THR A 415 -32.23 0.06 34.39
CA THR A 415 -33.07 -0.96 33.77
C THR A 415 -32.19 -2.09 33.26
N ASN A 416 -32.75 -3.30 33.29
CA ASN A 416 -32.07 -4.50 32.79
C ASN A 416 -33.02 -5.18 31.82
N ASP A 417 -33.06 -4.65 30.59
CA ASP A 417 -33.87 -5.21 29.52
C ASP A 417 -33.06 -5.17 28.24
N THR A 418 -33.56 -5.85 27.21
CA THR A 418 -32.81 -5.97 25.97
C THR A 418 -32.69 -4.63 25.26
N GLU A 419 -33.76 -3.83 25.25
CA GLU A 419 -33.67 -2.53 24.60
C GLU A 419 -32.58 -1.68 25.23
N SER A 420 -32.50 -1.68 26.56
CA SER A 420 -31.44 -0.94 27.24
C SER A 420 -30.07 -1.49 26.90
N ASP A 421 -29.95 -2.82 26.75
CA ASP A 421 -28.67 -3.40 26.36
C ASP A 421 -28.20 -2.86 25.03
N ILE A 422 -29.09 -2.82 24.04
CA ILE A 422 -28.73 -2.33 22.71
C ILE A 422 -28.28 -0.88 22.79
N ASN A 423 -29.05 -0.04 23.49
CA ASN A 423 -28.66 1.34 23.70
C ASN A 423 -27.24 1.42 24.24
N TYR A 424 -26.96 0.66 25.31
CA TYR A 424 -25.66 0.75 25.95
C TYR A 424 -24.57 0.23 25.02
N LEU A 425 -24.78 -0.93 24.40
CA LEU A 425 -23.75 -1.49 23.54
C LEU A 425 -23.53 -0.64 22.29
N LEU A 426 -24.59 -0.03 21.75
CA LEU A 426 -24.39 0.87 20.62
C LEU A 426 -23.57 2.07 21.02
N LYS A 427 -23.84 2.65 22.19
CA LYS A 427 -23.06 3.79 22.66
C LYS A 427 -21.60 3.40 22.83
N MET A 428 -21.34 2.25 23.46
CA MET A 428 -19.97 1.78 23.62
C MET A 428 -19.31 1.50 22.26
N ALA A 429 -20.09 1.02 21.29
CA ALA A 429 -19.53 0.76 19.96
C ALA A 429 -19.14 2.06 19.27
N LEU A 430 -19.94 3.12 19.45
CA LEU A 430 -19.58 4.42 18.87
C LEU A 430 -18.23 4.90 19.37
N GLU A 431 -17.82 4.46 20.57
CA GLU A 431 -16.54 4.84 21.14
C GLU A 431 -15.44 3.82 20.86
N LYS A 432 -15.75 2.53 20.99
CA LYS A 432 -14.72 1.49 20.91
C LYS A 432 -14.60 0.89 19.52
N ILE A 433 -15.72 0.61 18.85
N ILE A 433 -15.71 0.62 18.84
CA ILE A 433 -15.66 0.01 17.52
CA ILE A 433 -15.64 0.02 17.52
C ILE A 433 -15.27 1.06 16.47
C ILE A 433 -15.28 1.06 16.47
N ALA A 434 -15.87 2.25 16.54
CA ALA A 434 -15.58 3.28 15.55
C ALA A 434 -14.11 3.66 15.53
N PHE A 435 -13.41 3.50 16.67
CA PHE A 435 -12.02 3.91 16.75
C PHE A 435 -11.08 2.93 16.06
N LEU A 436 -11.46 1.65 15.97
CA LEU A 436 -10.56 0.61 15.50
C LEU A 436 -9.90 0.94 14.17
N PRO A 437 -10.62 1.30 13.10
CA PRO A 437 -9.92 1.64 11.85
C PRO A 437 -8.90 2.75 12.01
N PHE A 438 -9.22 3.80 12.78
CA PHE A 438 -8.30 4.90 12.94
C PHE A 438 -7.08 4.49 13.74
N GLY A 439 -7.28 3.77 14.85
CA GLY A 439 -6.15 3.28 15.62
C GLY A 439 -5.22 2.42 14.81
N TYR A 440 -5.76 1.71 13.80
CA TYR A 440 -4.96 0.84 12.96
C TYR A 440 -4.21 1.64 11.89
N LEU A 441 -4.84 2.66 11.30
CA LEU A 441 -4.30 3.25 10.09
C LEU A 441 -3.20 4.27 10.36
N VAL A 442 -3.20 4.91 11.54
CA VAL A 442 -2.30 6.05 11.74
C VAL A 442 -0.85 5.62 11.55
N ASP A 443 -0.46 4.51 12.17
CA ASP A 443 0.93 4.08 12.07
C ASP A 443 1.22 3.33 10.78
N GLN A 444 0.19 2.81 10.10
CA GLN A 444 0.41 2.36 8.74
C GLN A 444 0.89 3.52 7.87
N TRP A 445 0.29 4.70 8.05
CA TRP A 445 0.75 5.87 7.32
C TRP A 445 2.16 6.25 7.74
N ARG A 446 2.43 6.30 9.04
N ARG A 446 2.42 6.28 9.05
CA ARG A 446 3.75 6.71 9.51
CA ARG A 446 3.72 6.69 9.55
C ARG A 446 4.81 5.66 9.20
C ARG A 446 4.80 5.66 9.24
N TRP A 447 4.45 4.37 9.19
CA TRP A 447 5.41 3.35 8.80
C TRP A 447 5.81 3.53 7.34
N GLY A 448 4.85 3.88 6.48
CA GLY A 448 5.17 4.13 5.09
C GLY A 448 6.04 5.35 4.91
N VAL A 449 5.82 6.38 5.74
CA VAL A 449 6.64 7.59 5.68
C VAL A 449 8.08 7.26 6.08
N PHE A 450 8.25 6.54 7.20
CA PHE A 450 9.59 6.19 7.66
C PHE A 450 10.29 5.28 6.66
N SER A 451 9.57 4.34 6.08
CA SER A 451 10.18 3.40 5.15
C SER A 451 10.54 4.04 3.81
N GLY A 452 9.96 5.20 3.49
CA GLY A 452 10.14 5.81 2.20
C GLY A 452 9.09 5.44 1.17
N ARG A 453 8.19 4.51 1.50
CA ARG A 453 7.08 4.21 0.59
C ARG A 453 6.27 5.47 0.29
N THR A 454 6.12 6.34 1.30
CA THR A 454 5.31 7.56 1.19
C THR A 454 6.23 8.77 1.29
N PRO A 455 6.73 9.29 0.17
CA PRO A 455 7.56 10.49 0.22
C PRO A 455 6.73 11.72 0.54
N PRO A 456 7.35 12.85 0.85
CA PRO A 456 6.59 14.07 1.10
C PRO A 456 5.59 14.40 0.01
N SER A 457 5.87 14.03 -1.23
CA SER A 457 4.97 14.34 -2.34
C SER A 457 3.66 13.55 -2.28
N ARG A 458 3.53 12.60 -1.36
CA ARG A 458 2.32 11.80 -1.23
C ARG A 458 1.83 11.71 0.21
N TYR A 459 2.26 12.63 1.08
CA TYR A 459 1.83 12.60 2.48
C TYR A 459 0.31 12.58 2.58
N ASN A 460 -0.37 13.54 1.94
CA ASN A 460 -1.81 13.65 2.07
C ASN A 460 -2.53 12.62 1.20
N PHE A 461 -2.01 12.39 -0.01
CA PHE A 461 -2.54 11.35 -0.88
C PHE A 461 -2.64 10.00 -0.16
N ASP A 462 -1.57 9.60 0.53
CA ASP A 462 -1.58 8.31 1.21
C ASP A 462 -2.36 8.36 2.52
N TRP A 463 -2.37 9.51 3.19
CA TRP A 463 -3.20 9.67 4.39
C TRP A 463 -4.67 9.41 4.07
N TRP A 464 -5.18 10.06 3.03
CA TRP A 464 -6.60 9.93 2.72
C TRP A 464 -6.94 8.64 2.00
N TYR A 465 -5.97 8.00 1.32
CA TYR A 465 -6.20 6.63 0.88
C TYR A 465 -6.51 5.74 2.06
N LEU A 466 -5.75 5.88 3.15
CA LEU A 466 -5.95 5.03 4.32
C LEU A 466 -7.20 5.42 5.09
N ARG A 467 -7.47 6.72 5.21
CA ARG A 467 -8.69 7.16 5.89
C ARG A 467 -9.92 6.61 5.20
N THR A 468 -9.96 6.68 3.87
CA THR A 468 -11.09 6.12 3.13
C THR A 468 -11.08 4.59 3.20
N LYS A 469 -9.91 3.98 3.06
CA LYS A 469 -9.84 2.52 3.02
C LYS A 469 -10.41 1.90 4.28
N TYR A 470 -9.99 2.40 5.45
CA TYR A 470 -10.32 1.81 6.72
C TYR A 470 -11.53 2.46 7.38
N GLN A 471 -11.55 3.79 7.49
CA GLN A 471 -12.64 4.45 8.18
C GLN A 471 -13.86 4.64 7.29
N GLY A 472 -13.66 4.70 5.98
CA GLY A 472 -14.78 4.98 5.10
C GLY A 472 -15.29 6.39 5.23
N ILE A 473 -14.39 7.36 5.39
CA ILE A 473 -14.72 8.77 5.42
C ILE A 473 -14.02 9.46 4.27
N CYS A 474 -14.45 10.69 3.98
CA CYS A 474 -13.89 11.49 2.91
C CYS A 474 -13.77 12.94 3.38
N PRO A 475 -12.78 13.67 2.90
CA PRO A 475 -12.67 15.08 3.28
C PRO A 475 -13.84 15.88 2.73
N PRO A 476 -14.43 16.78 3.51
CA PRO A 476 -15.58 17.56 3.01
C PRO A 476 -15.20 18.69 2.08
N VAL A 477 -13.91 19.02 1.96
CA VAL A 477 -13.41 19.95 0.97
C VAL A 477 -12.25 19.30 0.25
N THR A 478 -12.02 19.73 -0.99
CA THR A 478 -10.91 19.20 -1.76
C THR A 478 -9.59 19.47 -1.04
N ARG A 479 -8.71 18.48 -1.06
CA ARG A 479 -7.38 18.59 -0.47
C ARG A 479 -6.33 18.30 -1.53
N ASN A 480 -5.11 18.78 -1.28
CA ASN A 480 -3.97 18.55 -2.16
C ASN A 480 -2.73 18.46 -1.28
N GLU A 481 -1.56 18.30 -1.92
CA GLU A 481 -0.34 18.04 -1.18
C GLU A 481 0.24 19.27 -0.51
N THR A 482 -0.33 20.46 -0.75
CA THR A 482 -0.03 21.59 0.12
C THR A 482 -0.56 21.34 1.53
N HIS A 483 -1.70 20.65 1.63
CA HIS A 483 -2.25 20.31 2.93
C HIS A 483 -1.49 19.11 3.51
N PHE A 484 -1.43 19.06 4.84
CA PHE A 484 -0.73 18.01 5.57
C PHE A 484 -1.64 17.59 6.72
N ASP A 485 -2.70 16.86 6.38
CA ASP A 485 -3.78 16.62 7.33
C ASP A 485 -3.36 15.65 8.43
N ALA A 486 -2.43 14.75 8.14
CA ALA A 486 -1.88 13.90 9.20
C ALA A 486 -1.27 14.74 10.32
N GLY A 487 -0.67 15.88 9.97
CA GLY A 487 -0.08 16.75 10.97
C GLY A 487 -1.08 17.46 11.84
N ALA A 488 -2.36 17.44 11.48
CA ALA A 488 -3.41 18.02 12.30
C ALA A 488 -3.89 17.09 13.40
N LYS A 489 -3.19 15.96 13.58
CA LYS A 489 -3.47 15.00 14.65
C LYS A 489 -2.30 15.03 15.62
N PHE A 490 -2.57 15.30 16.89
CA PHE A 490 -1.55 15.57 17.89
C PHE A 490 -0.32 14.65 17.81
N HIS A 491 -0.55 13.35 17.65
CA HIS A 491 0.53 12.38 17.83
C HIS A 491 1.57 12.46 16.72
N VAL A 492 1.24 13.04 15.57
CA VAL A 492 2.18 13.10 14.45
C VAL A 492 3.24 14.14 14.72
N PRO A 493 2.90 15.42 14.93
CA PRO A 493 3.93 16.41 15.26
C PRO A 493 4.61 16.16 16.59
N ASN A 494 3.96 15.48 17.52
N ASN A 494 3.95 15.47 17.52
CA ASN A 494 4.56 15.17 18.81
CA ASN A 494 4.55 15.17 18.81
C ASN A 494 5.24 13.81 18.83
C ASN A 494 5.32 13.86 18.79
N VAL A 495 5.32 13.14 17.67
CA VAL A 495 6.09 11.92 17.52
C VAL A 495 5.74 10.92 18.62
N THR A 496 4.45 10.63 18.75
CA THR A 496 3.96 9.62 19.68
C THR A 496 3.38 8.46 18.88
N PRO A 497 3.89 7.24 19.01
CA PRO A 497 3.33 6.12 18.26
C PRO A 497 1.86 5.89 18.59
N TYR A 498 1.15 5.28 17.64
CA TYR A 498 -0.30 5.16 17.71
C TYR A 498 -0.81 3.73 17.75
N ILE A 499 -0.06 2.76 17.22
CA ILE A 499 -0.57 1.39 17.16
C ILE A 499 -0.88 0.86 18.54
N ARG A 500 -0.22 1.40 19.57
CA ARG A 500 -0.54 1.06 20.95
C ARG A 500 -2.03 1.20 21.25
N TYR A 501 -2.71 2.14 20.60
CA TYR A 501 -4.13 2.34 20.88
C TYR A 501 -4.99 1.26 20.25
N PHE A 502 -4.60 0.77 19.08
CA PHE A 502 -5.31 -0.37 18.49
C PHE A 502 -5.11 -1.63 19.32
N VAL A 503 -3.88 -1.86 19.78
CA VAL A 503 -3.63 -2.98 20.67
C VAL A 503 -4.44 -2.83 21.95
N SER A 504 -4.51 -1.61 22.47
CA SER A 504 -5.19 -1.37 23.74
C SER A 504 -6.69 -1.65 23.64
N PHE A 505 -7.32 -1.25 22.53
CA PHE A 505 -8.76 -1.43 22.40
C PHE A 505 -9.13 -2.91 22.29
N VAL A 506 -8.20 -3.74 21.80
CA VAL A 506 -8.41 -5.18 21.83
C VAL A 506 -8.06 -5.74 23.20
N LEU A 507 -6.92 -5.30 23.74
CA LEU A 507 -6.43 -5.83 25.01
C LEU A 507 -7.40 -5.55 26.15
N GLN A 508 -7.98 -4.36 26.19
CA GLN A 508 -8.78 -3.98 27.33
C GLN A 508 -9.96 -4.93 27.55
N PHE A 509 -10.48 -5.52 26.48
CA PHE A 509 -11.57 -6.49 26.62
C PHE A 509 -11.07 -7.84 27.09
N GLN A 510 -9.81 -8.18 26.77
CA GLN A 510 -9.20 -9.36 27.37
C GLN A 510 -9.01 -9.15 28.86
N PHE A 511 -8.50 -7.98 29.25
CA PHE A 511 -8.38 -7.66 30.67
C PHE A 511 -9.73 -7.68 31.35
N HIS A 512 -10.73 -7.05 30.73
CA HIS A 512 -12.06 -6.96 31.32
C HIS A 512 -12.64 -8.34 31.58
N GLU A 513 -12.55 -9.23 30.58
CA GLU A 513 -13.09 -10.58 30.75
C GLU A 513 -12.40 -11.30 31.90
N ALA A 514 -11.08 -11.13 32.04
CA ALA A 514 -10.35 -11.85 33.07
C ALA A 514 -10.63 -11.27 34.45
N LEU A 515 -10.71 -9.95 34.56
CA LEU A 515 -10.96 -9.33 35.86
C LEU A 515 -12.39 -9.58 36.32
N CYS A 516 -13.34 -9.65 35.39
CA CYS A 516 -14.71 -9.98 35.77
C CYS A 516 -14.82 -11.42 36.25
N LYS A 517 -14.15 -12.35 35.56
CA LYS A 517 -14.07 -13.72 36.05
C LYS A 517 -13.44 -13.75 37.43
N GLU A 518 -12.34 -13.02 37.62
CA GLU A 518 -11.67 -13.02 38.91
C GLU A 518 -12.55 -12.42 40.00
N ALA A 519 -13.41 -11.47 39.63
CA ALA A 519 -14.30 -10.81 40.58
C ALA A 519 -15.49 -11.67 40.98
N GLY A 520 -15.73 -12.78 40.29
CA GLY A 520 -16.87 -13.62 40.57
C GLY A 520 -18.14 -13.24 39.83
N TYR A 521 -18.05 -12.38 38.82
CA TYR A 521 -19.22 -11.97 38.06
C TYR A 521 -19.60 -13.05 37.07
N GLU A 522 -20.90 -13.38 37.00
CA GLU A 522 -21.38 -14.49 36.19
C GLU A 522 -22.56 -14.08 35.31
N GLY A 523 -22.59 -12.82 34.89
CA GLY A 523 -23.60 -12.34 33.99
C GLY A 523 -23.02 -11.90 32.65
N PRO A 524 -23.81 -11.18 31.86
CA PRO A 524 -23.30 -10.70 30.56
C PRO A 524 -22.06 -9.84 30.74
N LEU A 525 -21.07 -10.08 29.89
CA LEU A 525 -19.78 -9.41 30.05
C LEU A 525 -19.92 -7.89 30.04
N HIS A 526 -20.89 -7.36 29.30
CA HIS A 526 -21.05 -5.90 29.19
C HIS A 526 -21.77 -5.27 30.36
N GLN A 527 -22.26 -6.06 31.32
CA GLN A 527 -22.87 -5.53 32.53
C GLN A 527 -21.99 -5.69 33.75
N CYS A 528 -20.78 -6.21 33.58
CA CYS A 528 -19.87 -6.44 34.69
C CYS A 528 -19.34 -5.12 35.25
N ASP A 529 -19.18 -5.07 36.58
CA ASP A 529 -18.62 -3.92 37.27
C ASP A 529 -17.70 -4.46 38.36
N ILE A 530 -16.39 -4.25 38.20
CA ILE A 530 -15.41 -4.81 39.14
C ILE A 530 -15.21 -3.88 40.32
N TYR A 531 -16.00 -2.81 40.40
CA TYR A 531 -15.93 -1.90 41.53
C TYR A 531 -15.89 -2.66 42.84
N ARG A 532 -14.90 -2.32 43.68
CA ARG A 532 -14.71 -2.87 45.02
C ARG A 532 -14.30 -4.33 45.05
N SER A 533 -13.85 -4.89 43.92
CA SER A 533 -13.35 -6.26 43.88
C SER A 533 -11.86 -6.22 44.19
N THR A 534 -11.51 -6.54 45.44
CA THR A 534 -10.10 -6.60 45.80
C THR A 534 -9.38 -7.73 45.07
N LYS A 535 -10.10 -8.80 44.75
CA LYS A 535 -9.49 -9.88 43.96
C LYS A 535 -9.07 -9.37 42.59
N ALA A 536 -9.99 -8.71 41.88
CA ALA A 536 -9.64 -8.14 40.57
C ALA A 536 -8.49 -7.15 40.71
N GLY A 537 -8.47 -6.36 41.78
CA GLY A 537 -7.37 -5.44 41.99
C GLY A 537 -6.04 -6.15 42.16
N ALA A 538 -6.04 -7.28 42.88
CA ALA A 538 -4.81 -8.02 43.09
C ALA A 538 -4.27 -8.57 41.79
N LYS A 539 -5.15 -9.08 40.92
CA LYS A 539 -4.71 -9.58 39.62
C LYS A 539 -4.16 -8.44 38.77
N LEU A 540 -4.86 -7.31 38.74
CA LEU A 540 -4.37 -6.16 37.98
C LEU A 540 -3.05 -5.65 38.55
N ARG A 541 -2.97 -5.55 39.87
CA ARG A 541 -1.74 -5.05 40.51
C ARG A 541 -0.53 -5.86 40.06
N LYS A 542 -0.69 -7.18 39.90
CA LYS A 542 0.43 -8.02 39.50
C LYS A 542 0.97 -7.59 38.14
N VAL A 543 0.09 -7.23 37.21
CA VAL A 543 0.53 -6.74 35.91
C VAL A 543 1.28 -5.43 36.06
N LEU A 544 0.70 -4.50 36.83
CA LEU A 544 1.25 -3.15 36.90
C LEU A 544 2.64 -3.15 37.54
N ARG A 545 2.84 -3.97 38.57
CA ARG A 545 4.13 -4.00 39.25
C ARG A 545 5.21 -4.71 38.45
N ALA A 546 4.85 -5.42 37.39
CA ALA A 546 5.85 -6.09 36.56
C ALA A 546 6.59 -5.13 35.63
N GLY A 547 5.99 -3.99 35.30
CA GLY A 547 6.62 -3.11 34.32
C GLY A 547 6.97 -3.88 33.07
N SER A 548 8.15 -3.60 32.52
CA SER A 548 8.66 -4.33 31.38
C SER A 548 9.70 -5.36 31.78
N SER A 549 9.69 -5.81 33.03
CA SER A 549 10.68 -6.76 33.50
C SER A 549 10.54 -8.13 32.84
N ARG A 550 9.36 -8.44 32.28
CA ARG A 550 9.09 -9.73 31.70
C ARG A 550 8.41 -9.55 30.35
N PRO A 551 8.62 -10.49 29.42
CA PRO A 551 7.97 -10.37 28.10
C PRO A 551 6.46 -10.30 28.26
N TRP A 552 5.83 -9.43 27.46
CA TRP A 552 4.41 -9.19 27.62
C TRP A 552 3.58 -10.44 27.35
N GLN A 553 4.07 -11.33 26.48
CA GLN A 553 3.32 -12.55 26.19
C GLN A 553 3.13 -13.39 27.44
N GLU A 554 4.15 -13.44 28.31
CA GLU A 554 4.03 -14.21 29.55
C GLU A 554 3.20 -13.47 30.58
N VAL A 555 3.35 -12.15 30.68
CA VAL A 555 2.51 -11.37 31.57
C VAL A 555 1.05 -11.56 31.20
N LEU A 556 0.74 -11.53 29.91
CA LEU A 556 -0.63 -11.67 29.46
C LEU A 556 -1.20 -13.04 29.80
N LYS A 557 -0.41 -14.09 29.60
CA LYS A 557 -0.92 -15.44 29.87
C LYS A 557 -1.19 -15.63 31.36
N ASP A 558 -0.35 -15.06 32.22
CA ASP A 558 -0.60 -15.14 33.66
C ASP A 558 -1.91 -14.44 34.04
N MET A 559 -2.34 -13.47 33.24
CA MET A 559 -3.52 -12.70 33.57
C MET A 559 -4.78 -13.27 32.95
N VAL A 560 -4.75 -13.55 31.64
CA VAL A 560 -5.95 -13.97 30.91
C VAL A 560 -5.88 -15.41 30.46
N GLY A 561 -4.77 -16.10 30.71
CA GLY A 561 -4.63 -17.47 30.28
C GLY A 561 -4.27 -17.66 28.83
N LEU A 562 -3.91 -16.58 28.12
CA LEU A 562 -3.53 -16.66 26.73
C LEU A 562 -2.32 -15.76 26.51
N ASP A 563 -1.41 -16.20 25.64
CA ASP A 563 -0.16 -15.49 25.40
C ASP A 563 -0.19 -14.68 24.10
N ALA A 564 -1.34 -14.13 23.74
CA ALA A 564 -1.45 -13.40 22.49
C ALA A 564 -2.69 -12.52 22.51
N LEU A 565 -2.64 -11.45 21.72
CA LEU A 565 -3.83 -10.63 21.51
C LEU A 565 -4.94 -11.48 20.90
N ASP A 566 -6.16 -11.27 21.37
CA ASP A 566 -7.30 -12.05 20.92
C ASP A 566 -8.51 -11.12 20.84
N ALA A 567 -9.27 -11.26 19.76
CA ALA A 567 -10.44 -10.42 19.54
C ALA A 567 -11.73 -11.04 20.08
N GLN A 568 -11.68 -12.29 20.53
CA GLN A 568 -12.90 -12.94 20.98
C GLN A 568 -13.57 -12.23 22.15
N PRO A 569 -12.85 -11.78 23.18
CA PRO A 569 -13.54 -11.06 24.27
C PRO A 569 -14.28 -9.83 23.79
N LEU A 570 -13.68 -9.04 22.89
CA LEU A 570 -14.36 -7.87 22.35
C LEU A 570 -15.62 -8.30 21.59
N LEU A 571 -15.50 -9.34 20.76
CA LEU A 571 -16.66 -9.81 20.00
C LEU A 571 -17.74 -10.33 20.94
N LYS A 572 -17.34 -10.99 22.02
CA LYS A 572 -18.31 -11.49 22.99
C LYS A 572 -18.98 -10.34 23.73
N TYR A 573 -18.22 -9.31 24.06
CA TYR A 573 -18.81 -8.13 24.70
C TYR A 573 -19.92 -7.53 23.86
N PHE A 574 -19.72 -7.46 22.54
CA PHE A 574 -20.63 -6.75 21.65
C PHE A 574 -21.60 -7.65 20.91
N GLN A 575 -21.59 -8.95 21.18
CA GLN A 575 -22.36 -9.90 20.37
C GLN A 575 -23.80 -9.43 20.13
N LEU A 576 -24.46 -8.94 21.18
CA LEU A 576 -25.88 -8.61 21.06
C LEU A 576 -26.11 -7.50 20.04
N VAL A 577 -25.34 -6.42 20.12
CA VAL A 577 -25.55 -5.32 19.18
C VAL A 577 -24.97 -5.62 17.81
N THR A 578 -23.98 -6.51 17.73
CA THR A 578 -23.48 -6.94 16.43
C THR A 578 -24.58 -7.64 15.63
N GLN A 579 -25.27 -8.59 16.26
CA GLN A 579 -26.40 -9.23 15.62
C GLN A 579 -27.49 -8.23 15.27
N TRP A 580 -27.79 -7.32 16.21
CA TRP A 580 -28.87 -6.36 16.00
C TRP A 580 -28.57 -5.43 14.82
N LEU A 581 -27.36 -4.88 14.78
CA LEU A 581 -27.01 -3.97 13.69
C LEU A 581 -27.10 -4.67 12.34
N GLN A 582 -26.69 -5.94 12.26
CA GLN A 582 -26.83 -6.69 11.02
C GLN A 582 -28.28 -6.82 10.61
N GLU A 583 -29.16 -7.13 11.57
CA GLU A 583 -30.59 -7.23 11.27
C GLU A 583 -31.13 -5.90 10.75
N GLN A 584 -30.82 -4.81 11.45
CA GLN A 584 -31.32 -3.51 11.02
C GLN A 584 -30.85 -3.15 9.62
N ASN A 585 -29.56 -3.38 9.33
CA ASN A 585 -29.04 -3.00 8.02
C ASN A 585 -29.64 -3.84 6.91
N GLN A 586 -29.85 -5.14 7.18
CA GLN A 586 -30.52 -5.99 6.20
C GLN A 586 -31.94 -5.50 5.95
N GLN A 587 -32.68 -5.20 7.03
CA GLN A 587 -34.06 -4.74 6.90
C GLN A 587 -34.14 -3.40 6.21
N ASN A 588 -33.17 -2.52 6.44
CA ASN A 588 -33.14 -1.21 5.79
C ASN A 588 -32.55 -1.26 4.39
N GLY A 589 -32.18 -2.44 3.89
CA GLY A 589 -31.59 -2.55 2.58
C GLY A 589 -30.29 -1.79 2.43
N GLU A 590 -29.46 -1.78 3.47
CA GLU A 590 -28.22 -1.02 3.45
C GLU A 590 -27.17 -1.71 2.60
N VAL A 591 -26.25 -0.91 2.07
CA VAL A 591 -25.04 -1.41 1.42
C VAL A 591 -23.91 -1.29 2.43
N LEU A 592 -23.30 -2.41 2.79
CA LEU A 592 -22.15 -2.38 3.67
C LEU A 592 -20.93 -1.93 2.87
N GLY A 593 -20.16 -1.02 3.46
CA GLY A 593 -19.02 -0.46 2.76
C GLY A 593 -19.38 0.81 2.03
N TRP A 594 -18.43 1.27 1.23
CA TRP A 594 -18.54 2.52 0.49
C TRP A 594 -18.06 2.29 -0.94
N PRO A 595 -18.85 1.56 -1.75
CA PRO A 595 -18.43 1.29 -3.12
C PRO A 595 -18.23 2.53 -3.97
N GLU A 596 -18.91 3.63 -3.65
CA GLU A 596 -18.69 4.89 -4.35
C GLU A 596 -17.55 5.64 -3.68
N TYR A 597 -16.36 5.03 -3.77
CA TYR A 597 -15.18 5.50 -3.04
C TYR A 597 -14.72 6.87 -3.50
N GLN A 598 -15.11 7.30 -4.70
CA GLN A 598 -14.65 8.55 -5.27
C GLN A 598 -15.51 9.74 -4.87
N TRP A 599 -16.62 9.50 -4.17
CA TRP A 599 -17.59 10.55 -3.90
C TRP A 599 -17.10 11.48 -2.80
N HIS A 600 -17.30 12.78 -3.01
CA HIS A 600 -17.09 13.82 -2.03
C HIS A 600 -18.33 14.70 -2.00
N PRO A 601 -18.68 15.26 -0.83
CA PRO A 601 -19.87 16.10 -0.76
C PRO A 601 -19.62 17.42 -1.43
N PRO A 602 -20.67 18.07 -1.95
CA PRO A 602 -20.50 19.42 -2.52
C PRO A 602 -20.22 20.42 -1.41
N LEU A 603 -19.77 21.59 -1.82
CA LEU A 603 -19.58 22.68 -0.89
C LEU A 603 -20.92 23.38 -0.64
N PRO A 604 -21.14 23.90 0.58
CA PRO A 604 -22.33 24.73 0.79
C PRO A 604 -22.35 25.91 -0.17
N ASP A 605 -23.56 26.30 -0.59
CA ASP A 605 -23.70 27.37 -1.56
C ASP A 605 -23.09 28.67 -1.05
N ASN A 606 -23.22 28.93 0.25
CA ASN A 606 -22.75 30.17 0.85
C ASN A 606 -21.38 30.03 1.52
N TYR A 607 -20.52 29.16 0.97
CA TYR A 607 -19.29 28.88 1.70
C TYR A 607 -18.13 29.71 1.17
N PRO A 608 -17.23 30.20 2.05
CA PRO A 608 -17.27 30.14 3.51
C PRO A 608 -18.02 31.30 4.14
N GLU A 609 -18.51 32.22 3.32
CA GLU A 609 -19.19 33.41 3.83
C GLU A 609 -20.53 33.05 4.44
N LEU B 1 -6.03 -40.40 -18.44
CA LEU B 1 -4.79 -40.07 -19.18
C LEU B 1 -4.21 -41.31 -19.86
N ASP B 2 -3.66 -41.12 -21.05
CA ASP B 2 -3.02 -42.21 -21.77
C ASP B 2 -1.97 -42.88 -20.89
N PRO B 3 -2.02 -44.21 -20.70
CA PRO B 3 -0.98 -44.86 -19.90
C PRO B 3 0.43 -44.59 -20.39
N GLY B 4 0.62 -44.50 -21.71
CA GLY B 4 1.93 -44.19 -22.24
C GLY B 4 2.46 -42.84 -21.81
N LEU B 5 1.59 -41.97 -21.30
CA LEU B 5 2.00 -40.66 -20.78
C LEU B 5 2.12 -40.64 -19.27
N GLN B 6 1.80 -41.75 -18.59
CA GLN B 6 1.93 -41.80 -17.13
C GLN B 6 3.35 -42.22 -16.74
N PRO B 7 3.83 -41.76 -15.59
CA PRO B 7 5.25 -41.95 -15.26
C PRO B 7 5.57 -43.39 -14.89
N GLY B 8 6.80 -43.78 -15.22
CA GLY B 8 7.28 -45.13 -14.95
C GLY B 8 7.98 -45.23 -13.61
N GLN B 9 8.86 -46.22 -13.51
CA GLN B 9 9.59 -46.49 -12.28
C GLN B 9 11.01 -45.96 -12.40
N PHE B 10 11.43 -45.17 -11.41
CA PHE B 10 12.76 -44.59 -11.39
C PHE B 10 13.31 -44.65 -9.96
N SER B 11 14.63 -44.67 -9.85
CA SER B 11 15.28 -44.72 -8.55
C SER B 11 15.23 -43.36 -7.87
N ALA B 12 15.29 -43.37 -6.53
CA ALA B 12 15.20 -42.16 -5.73
C ALA B 12 16.59 -41.57 -5.47
N ASP B 13 17.28 -41.23 -6.56
CA ASP B 13 18.58 -40.61 -6.49
C ASP B 13 18.76 -39.73 -7.72
N GLU B 14 19.85 -38.94 -7.72
CA GLU B 14 20.07 -38.01 -8.81
C GLU B 14 20.16 -38.74 -10.15
N ALA B 15 20.75 -39.94 -10.16
CA ALA B 15 20.84 -40.71 -11.39
C ALA B 15 19.45 -41.05 -11.93
N GLY B 16 18.57 -41.55 -11.07
CA GLY B 16 17.21 -41.82 -11.50
C GLY B 16 16.43 -40.57 -11.83
N ALA B 17 16.74 -39.46 -11.14
CA ALA B 17 16.06 -38.20 -11.45
C ALA B 17 16.45 -37.69 -12.83
N GLN B 18 17.67 -37.98 -13.28
CA GLN B 18 18.06 -37.61 -14.64
C GLN B 18 17.21 -38.36 -15.67
N LEU B 19 17.00 -39.66 -15.45
CA LEU B 19 16.12 -40.43 -16.33
C LEU B 19 14.67 -39.97 -16.18
N PHE B 20 14.26 -39.68 -14.94
CA PHE B 20 12.90 -39.19 -14.71
C PHE B 20 12.63 -37.92 -15.52
N ALA B 21 13.56 -36.96 -15.44
CA ALA B 21 13.40 -35.73 -16.20
C ALA B 21 13.27 -36.01 -17.70
N GLN B 22 14.16 -36.85 -18.25
CA GLN B 22 14.11 -37.15 -19.66
C GLN B 22 12.77 -37.73 -20.07
N SER B 23 12.27 -38.71 -19.33
N SER B 23 12.28 -38.71 -19.33
CA SER B 23 10.98 -39.31 -19.65
CA SER B 23 10.98 -39.32 -19.64
C SER B 23 9.85 -38.31 -19.49
C SER B 23 9.87 -38.29 -19.52
N TYR B 24 9.97 -37.38 -18.55
CA TYR B 24 8.93 -36.38 -18.36
C TYR B 24 8.83 -35.44 -19.56
N GLN B 25 9.99 -35.03 -20.10
CA GLN B 25 9.98 -34.04 -21.16
C GLN B 25 9.47 -34.62 -22.47
N SER B 26 9.87 -35.85 -22.79
CA SER B 26 9.38 -36.49 -24.00
C SER B 26 7.86 -36.64 -23.96
N SER B 27 7.31 -37.04 -22.82
CA SER B 27 5.87 -37.24 -22.72
C SER B 27 5.12 -35.91 -22.68
N ALA B 28 5.76 -34.86 -22.16
CA ALA B 28 5.07 -33.58 -22.04
C ALA B 28 4.89 -32.91 -23.40
N GLU B 29 5.76 -33.21 -24.37
CA GLU B 29 5.65 -32.56 -25.67
C GLU B 29 4.30 -32.83 -26.32
N GLN B 30 3.77 -34.04 -26.16
CA GLN B 30 2.47 -34.36 -26.74
C GLN B 30 1.35 -33.60 -26.03
N VAL B 31 1.43 -33.48 -24.71
CA VAL B 31 0.36 -32.85 -23.96
C VAL B 31 0.37 -31.34 -24.18
N LEU B 32 1.56 -30.73 -24.18
CA LEU B 32 1.65 -29.31 -24.47
C LEU B 32 1.11 -29.00 -25.85
N PHE B 33 1.44 -29.82 -26.84
CA PHE B 33 1.01 -29.54 -28.21
C PHE B 33 -0.51 -29.55 -28.32
N GLN B 34 -1.15 -30.62 -27.85
CA GLN B 34 -2.61 -30.69 -27.96
C GLN B 34 -3.27 -29.54 -27.20
N SER B 35 -2.64 -29.06 -26.14
CA SER B 35 -3.19 -27.93 -25.40
C SER B 35 -3.07 -26.64 -26.22
N VAL B 36 -1.88 -26.35 -26.72
CA VAL B 36 -1.68 -25.13 -27.51
C VAL B 36 -2.54 -25.17 -28.77
N ALA B 37 -2.61 -26.34 -29.41
CA ALA B 37 -3.42 -26.48 -30.61
C ALA B 37 -4.87 -26.08 -30.34
N ALA B 38 -5.43 -26.56 -29.22
CA ALA B 38 -6.82 -26.24 -28.90
C ALA B 38 -7.00 -24.77 -28.57
N SER B 39 -6.03 -24.17 -27.88
CA SER B 39 -6.10 -22.73 -27.62
C SER B 39 -6.02 -21.93 -28.91
N TRP B 40 -5.23 -22.40 -29.88
CA TRP B 40 -5.16 -21.72 -31.17
C TRP B 40 -6.50 -21.78 -31.88
N ALA B 41 -7.12 -22.96 -31.91
CA ALA B 41 -8.42 -23.11 -32.56
C ALA B 41 -9.45 -22.15 -31.97
N HIS B 42 -9.39 -21.92 -30.66
CA HIS B 42 -10.35 -21.02 -30.03
C HIS B 42 -10.03 -19.56 -30.31
N ASP B 43 -8.77 -19.16 -30.11
CA ASP B 43 -8.41 -17.75 -30.21
C ASP B 43 -8.47 -17.22 -31.63
N THR B 44 -8.36 -18.09 -32.63
CA THR B 44 -8.55 -17.69 -34.02
C THR B 44 -9.98 -17.89 -34.50
N ASN B 45 -10.89 -18.26 -33.60
CA ASN B 45 -12.24 -18.66 -33.96
C ASN B 45 -13.05 -18.88 -32.69
N ILE B 46 -13.49 -17.79 -32.07
CA ILE B 46 -14.11 -17.84 -30.75
C ILE B 46 -15.52 -18.41 -30.90
N THR B 47 -15.70 -19.66 -30.48
CA THR B 47 -17.00 -20.31 -30.47
C THR B 47 -17.15 -21.11 -29.19
N ALA B 48 -18.36 -21.62 -28.97
CA ALA B 48 -18.63 -22.37 -27.75
C ALA B 48 -17.95 -23.74 -27.79
N GLU B 49 -18.05 -24.44 -28.93
CA GLU B 49 -17.46 -25.77 -29.03
C GLU B 49 -15.94 -25.72 -29.01
N ASN B 50 -15.34 -24.68 -29.59
CA ASN B 50 -13.90 -24.52 -29.48
C ASN B 50 -13.49 -24.25 -28.03
N ALA B 51 -14.33 -23.58 -27.26
CA ALA B 51 -14.06 -23.40 -25.84
C ALA B 51 -14.13 -24.73 -25.11
N ARG B 52 -15.09 -25.59 -25.48
CA ARG B 52 -15.18 -26.91 -24.87
C ARG B 52 -13.93 -27.73 -25.14
N ARG B 53 -13.45 -27.71 -26.38
CA ARG B 53 -12.27 -28.50 -26.73
C ARG B 53 -11.03 -27.99 -26.00
N GLN B 54 -10.90 -26.67 -25.88
N GLN B 54 -10.88 -26.68 -25.87
CA GLN B 54 -9.78 -26.09 -25.15
CA GLN B 54 -9.72 -26.16 -25.16
C GLN B 54 -9.85 -26.41 -23.67
C GLN B 54 -9.85 -26.33 -23.64
N GLU B 55 -11.08 -26.51 -23.13
CA GLU B 55 -11.24 -26.86 -21.72
C GLU B 55 -10.92 -28.34 -21.49
N GLU B 56 -11.31 -29.20 -22.43
CA GLU B 56 -10.96 -30.61 -22.32
C GLU B 56 -9.45 -30.81 -22.41
N ALA B 57 -8.76 -29.98 -23.20
CA ALA B 57 -7.31 -30.10 -23.31
C ALA B 57 -6.63 -29.68 -22.01
N ALA B 58 -7.13 -28.64 -21.36
CA ALA B 58 -6.55 -28.21 -20.09
C ALA B 58 -6.68 -29.30 -19.04
N LEU B 59 -7.80 -30.03 -19.05
CA LEU B 59 -7.99 -31.11 -18.10
C LEU B 59 -6.93 -32.19 -18.28
N LEU B 60 -6.68 -32.59 -19.52
CA LEU B 60 -5.62 -33.57 -19.78
C LEU B 60 -4.28 -33.08 -19.25
N SER B 61 -3.96 -31.82 -19.52
CA SER B 61 -2.69 -31.27 -19.02
C SER B 61 -2.63 -31.34 -17.50
N GLN B 62 -3.73 -31.03 -16.82
CA GLN B 62 -3.76 -31.09 -15.37
C GLN B 62 -3.58 -32.53 -14.88
N GLU B 63 -4.20 -33.50 -15.56
CA GLU B 63 -3.98 -34.89 -15.19
C GLU B 63 -2.52 -35.29 -15.40
N PHE B 64 -1.91 -34.83 -16.49
CA PHE B 64 -0.50 -35.13 -16.75
C PHE B 64 0.37 -34.54 -15.65
N ALA B 65 0.14 -33.27 -15.29
CA ALA B 65 0.94 -32.64 -14.26
C ALA B 65 0.74 -33.31 -12.91
N GLU B 66 -0.49 -33.76 -12.62
CA GLU B 66 -0.76 -34.46 -11.37
C GLU B 66 0.07 -35.73 -11.26
N ALA B 67 0.03 -36.57 -12.29
CA ALA B 67 0.73 -37.85 -12.26
C ALA B 67 2.23 -37.66 -12.05
N TRP B 68 2.84 -36.80 -12.87
CA TRP B 68 4.28 -36.62 -12.79
C TRP B 68 4.68 -35.81 -11.57
N GLY B 69 3.87 -34.81 -11.20
CA GLY B 69 4.14 -34.07 -9.98
C GLY B 69 4.08 -34.95 -8.75
N GLN B 70 3.04 -35.79 -8.67
CA GLN B 70 2.93 -36.73 -7.56
C GLN B 70 4.14 -37.66 -7.51
N LYS B 71 4.49 -38.25 -8.65
CA LYS B 71 5.63 -39.17 -8.68
C LYS B 71 6.91 -38.46 -8.28
N ALA B 72 7.12 -37.24 -8.78
CA ALA B 72 8.33 -36.50 -8.44
C ALA B 72 8.39 -36.21 -6.94
N LYS B 73 7.24 -35.98 -6.31
CA LYS B 73 7.24 -35.77 -4.87
C LYS B 73 7.48 -37.07 -4.12
N GLU B 74 6.93 -38.19 -4.62
CA GLU B 74 7.17 -39.47 -3.98
C GLU B 74 8.64 -39.83 -3.98
N LEU B 75 9.35 -39.51 -5.06
CA LEU B 75 10.73 -39.96 -5.24
C LEU B 75 11.76 -38.96 -4.73
N TYR B 76 11.61 -37.69 -5.08
CA TYR B 76 12.71 -36.74 -4.95
C TYR B 76 12.42 -35.54 -4.06
N GLU B 77 11.24 -35.44 -3.47
CA GLU B 77 10.93 -34.27 -2.64
C GLU B 77 11.97 -34.03 -1.55
N PRO B 78 12.51 -35.04 -0.87
CA PRO B 78 13.49 -34.76 0.19
C PRO B 78 14.90 -34.48 -0.31
N ILE B 79 15.26 -34.87 -1.54
CA ILE B 79 16.65 -34.92 -1.95
C ILE B 79 16.95 -34.09 -3.18
N TRP B 80 15.95 -33.58 -3.91
CA TRP B 80 16.26 -32.90 -5.16
C TRP B 80 16.93 -31.55 -4.95
N GLN B 81 16.76 -30.93 -3.79
CA GLN B 81 17.45 -29.67 -3.52
C GLN B 81 18.95 -29.87 -3.34
N GLN B 82 19.39 -31.09 -3.09
CA GLN B 82 20.79 -31.39 -2.81
C GLN B 82 21.52 -31.95 -4.02
N PHE B 83 20.83 -32.15 -5.14
CA PHE B 83 21.49 -32.70 -6.33
C PHE B 83 22.63 -31.79 -6.78
N THR B 84 23.66 -32.42 -7.35
CA THR B 84 24.81 -31.66 -7.83
C THR B 84 24.48 -30.91 -9.11
N ASP B 85 23.87 -31.60 -10.07
CA ASP B 85 23.47 -31.00 -11.34
C ASP B 85 22.43 -29.91 -11.08
N PRO B 86 22.78 -28.63 -11.23
CA PRO B 86 21.81 -27.57 -10.93
C PRO B 86 20.69 -27.48 -11.97
N GLN B 87 20.93 -27.92 -13.20
CA GLN B 87 19.88 -27.89 -14.22
C GLN B 87 18.78 -28.89 -13.90
N LEU B 88 19.17 -30.06 -13.37
CA LEU B 88 18.18 -31.04 -12.95
C LEU B 88 17.33 -30.50 -11.79
N ARG B 89 17.96 -29.76 -10.87
CA ARG B 89 17.20 -29.16 -9.78
C ARG B 89 16.12 -28.23 -10.30
N ARG B 90 16.43 -27.45 -11.34
CA ARG B 90 15.44 -26.55 -11.92
C ARG B 90 14.27 -27.34 -12.51
N ILE B 91 14.56 -28.41 -13.23
CA ILE B 91 13.51 -29.20 -13.86
C ILE B 91 12.62 -29.83 -12.80
N ILE B 92 13.23 -30.55 -11.85
CA ILE B 92 12.45 -31.29 -10.86
C ILE B 92 11.64 -30.33 -10.01
N GLY B 93 12.25 -29.22 -9.58
CA GLY B 93 11.53 -28.23 -8.79
C GLY B 93 10.25 -27.75 -9.46
N ALA B 94 10.26 -27.70 -10.80
CA ALA B 94 9.06 -27.28 -11.52
C ALA B 94 8.04 -28.41 -11.60
N VAL B 95 8.51 -29.64 -11.80
CA VAL B 95 7.59 -30.78 -11.92
C VAL B 95 6.79 -30.94 -10.63
N ARG B 96 7.42 -30.69 -9.49
CA ARG B 96 6.76 -30.89 -8.21
C ARG B 96 5.79 -29.78 -7.85
N THR B 97 5.74 -28.70 -8.64
CA THR B 97 4.77 -27.64 -8.47
C THR B 97 3.60 -27.92 -9.42
N LEU B 98 2.47 -28.37 -8.85
CA LEU B 98 1.35 -28.85 -9.65
C LEU B 98 0.45 -27.72 -10.14
N GLY B 99 0.42 -26.59 -9.43
CA GLY B 99 -0.45 -25.50 -9.86
C GLY B 99 -1.90 -25.92 -9.80
N SER B 100 -2.64 -25.60 -10.88
CA SER B 100 -4.06 -25.91 -10.92
C SER B 100 -4.35 -27.40 -10.82
N ALA B 101 -3.35 -28.25 -11.01
CA ALA B 101 -3.56 -29.69 -10.85
C ALA B 101 -3.77 -30.09 -9.40
N ASN B 102 -3.37 -29.23 -8.44
CA ASN B 102 -3.68 -29.50 -7.04
C ASN B 102 -5.16 -29.45 -6.75
N LEU B 103 -5.96 -28.86 -7.64
CA LEU B 103 -7.38 -28.70 -7.39
C LEU B 103 -8.12 -30.01 -7.63
N PRO B 104 -9.22 -30.24 -6.90
CA PRO B 104 -10.11 -31.35 -7.27
C PRO B 104 -10.68 -31.13 -8.66
N LEU B 105 -11.18 -32.23 -9.25
CA LEU B 105 -11.64 -32.16 -10.63
C LEU B 105 -12.73 -31.12 -10.81
N ALA B 106 -13.72 -31.11 -9.91
CA ALA B 106 -14.80 -30.14 -10.03
C ALA B 106 -14.27 -28.72 -10.11
N LYS B 107 -13.26 -28.40 -9.29
CA LYS B 107 -12.66 -27.07 -9.32
C LYS B 107 -11.71 -26.89 -10.50
N ARG B 108 -11.15 -27.99 -11.03
CA ARG B 108 -10.40 -27.89 -12.28
C ARG B 108 -11.30 -27.41 -13.41
N GLN B 109 -12.48 -28.02 -13.54
CA GLN B 109 -13.42 -27.60 -14.57
C GLN B 109 -13.85 -26.15 -14.35
N GLN B 110 -14.08 -25.76 -13.10
CA GLN B 110 -14.46 -24.38 -12.82
C GLN B 110 -13.31 -23.43 -13.14
N TYR B 111 -12.08 -23.81 -12.78
CA TYR B 111 -10.91 -22.99 -13.11
C TYR B 111 -10.75 -22.84 -14.61
N ASN B 112 -10.86 -23.95 -15.35
CA ASN B 112 -10.68 -23.90 -16.79
C ASN B 112 -11.80 -23.12 -17.47
N ALA B 113 -13.03 -23.23 -16.96
CA ALA B 113 -14.16 -22.56 -17.59
C ALA B 113 -14.09 -21.05 -17.39
N LEU B 114 -13.66 -20.61 -16.21
CA LEU B 114 -13.54 -19.18 -15.97
C LEU B 114 -12.58 -18.53 -16.96
N LEU B 115 -11.46 -19.18 -17.26
CA LEU B 115 -10.50 -18.61 -18.19
C LEU B 115 -11.14 -18.45 -19.57
N SER B 116 -11.85 -19.47 -20.05
CA SER B 116 -12.51 -19.35 -21.36
C SER B 116 -13.50 -18.20 -21.36
N GLN B 117 -14.25 -18.04 -20.28
CA GLN B 117 -15.28 -17.00 -20.24
C GLN B 117 -14.68 -15.61 -20.09
N MET B 118 -13.67 -15.45 -19.23
CA MET B 118 -13.01 -14.17 -19.12
C MET B 118 -12.37 -13.79 -20.46
N SER B 119 -11.75 -14.76 -21.14
CA SER B 119 -11.16 -14.49 -22.45
C SER B 119 -12.21 -14.05 -23.46
N ARG B 120 -13.33 -14.78 -23.51
CA ARG B 120 -14.38 -14.45 -24.47
C ARG B 120 -14.95 -13.06 -24.21
N ILE B 121 -15.23 -12.75 -22.94
CA ILE B 121 -15.84 -11.45 -22.62
C ILE B 121 -14.95 -10.31 -23.10
N TYR B 122 -13.65 -10.39 -22.79
CA TYR B 122 -12.75 -9.30 -23.15
C TYR B 122 -12.70 -9.10 -24.66
N SER B 123 -12.47 -10.18 -25.41
CA SER B 123 -12.20 -10.07 -26.83
C SER B 123 -13.46 -9.90 -27.68
N THR B 124 -14.64 -10.09 -27.10
CA THR B 124 -15.89 -9.94 -27.84
C THR B 124 -16.70 -8.74 -27.40
N ALA B 125 -16.23 -7.98 -26.41
CA ALA B 125 -16.98 -6.81 -25.95
C ALA B 125 -16.97 -5.72 -27.00
N LYS B 126 -18.11 -5.03 -27.13
CA LYS B 126 -18.26 -3.96 -28.10
C LYS B 126 -18.74 -2.70 -27.40
N VAL B 127 -18.60 -1.58 -28.08
CA VAL B 127 -19.11 -0.28 -27.61
C VAL B 127 -20.15 0.16 -28.62
N CYS B 128 -21.40 -0.24 -28.41
CA CYS B 128 -22.47 0.12 -29.31
C CYS B 128 -22.91 1.57 -29.06
N LEU B 129 -23.27 2.26 -30.14
CA LEU B 129 -23.56 3.68 -30.04
C LEU B 129 -24.92 3.90 -29.38
N PRO B 130 -25.10 5.04 -28.71
CA PRO B 130 -26.34 5.23 -27.95
C PRO B 130 -27.57 5.36 -28.83
N GLN B 131 -27.45 5.97 -30.00
CA GLN B 131 -28.58 6.03 -30.94
C GLN B 131 -28.69 4.73 -31.72
N LYS B 132 -27.73 4.48 -32.61
CA LYS B 132 -27.70 3.24 -33.40
C LYS B 132 -27.07 2.14 -32.55
N THR B 133 -27.92 1.37 -31.87
CA THR B 133 -27.43 0.18 -31.18
C THR B 133 -26.89 -0.86 -32.15
N ALA B 134 -27.21 -0.73 -33.44
CA ALA B 134 -26.71 -1.68 -34.43
C ALA B 134 -25.22 -1.47 -34.66
N THR B 135 -24.80 -0.23 -34.92
CA THR B 135 -23.39 0.08 -35.11
C THR B 135 -22.66 -0.10 -33.79
N CYS B 136 -21.71 -1.04 -33.76
CA CYS B 136 -20.95 -1.34 -32.55
C CYS B 136 -19.46 -1.38 -32.89
N TRP B 137 -18.66 -0.76 -32.03
CA TRP B 137 -17.22 -0.64 -32.23
C TRP B 137 -16.49 -1.69 -31.42
N SER B 138 -15.50 -2.32 -32.05
CA SER B 138 -14.59 -3.24 -31.38
C SER B 138 -13.38 -2.48 -30.85
N LEU B 139 -12.68 -3.11 -29.90
CA LEU B 139 -11.45 -2.50 -29.39
C LEU B 139 -10.45 -2.32 -30.51
N ASP B 140 -10.15 -3.41 -31.23
CA ASP B 140 -9.24 -3.40 -32.36
C ASP B 140 -10.04 -3.68 -33.62
N PRO B 141 -10.08 -2.78 -34.62
CA PRO B 141 -9.36 -1.52 -34.78
C PRO B 141 -10.13 -0.25 -34.39
N ASP B 142 -11.45 -0.36 -34.17
CA ASP B 142 -12.29 0.81 -34.04
C ASP B 142 -11.87 1.72 -32.89
N LEU B 143 -12.00 1.23 -31.65
CA LEU B 143 -11.69 2.07 -30.49
C LEU B 143 -10.21 2.43 -30.45
N THR B 144 -9.33 1.49 -30.82
CA THR B 144 -7.91 1.80 -30.89
C THR B 144 -7.66 3.01 -31.77
N ASN B 145 -8.29 3.05 -32.95
CA ASN B 145 -8.08 4.16 -33.87
C ASN B 145 -8.62 5.46 -33.28
N ILE B 146 -9.76 5.41 -32.61
CA ILE B 146 -10.33 6.62 -32.01
C ILE B 146 -9.37 7.20 -30.97
N LEU B 147 -8.91 6.36 -30.04
CA LEU B 147 -7.99 6.83 -29.01
C LEU B 147 -6.71 7.39 -29.60
N ALA B 148 -6.26 6.85 -30.73
CA ALA B 148 -4.98 7.29 -31.29
C ALA B 148 -5.11 8.55 -32.12
N SER B 149 -6.20 8.68 -32.88
N SER B 149 -6.21 8.68 -32.87
CA SER B 149 -6.33 9.74 -33.86
CA SER B 149 -6.34 9.73 -33.87
C SER B 149 -7.26 10.86 -33.44
C SER B 149 -7.29 10.86 -33.48
N SER B 150 -8.34 10.56 -32.71
CA SER B 150 -9.30 11.59 -32.37
C SER B 150 -8.68 12.61 -31.42
N ARG B 151 -9.00 13.89 -31.65
CA ARG B 151 -8.63 14.97 -30.76
C ARG B 151 -9.86 15.67 -30.21
N SER B 152 -11.02 15.02 -30.28
CA SER B 152 -12.24 15.52 -29.68
C SER B 152 -12.36 14.94 -28.27
N TYR B 153 -12.38 15.83 -27.27
CA TYR B 153 -12.46 15.37 -25.89
C TYR B 153 -13.66 14.44 -25.69
N ALA B 154 -14.82 14.80 -26.24
CA ALA B 154 -16.03 14.02 -26.00
C ALA B 154 -15.99 12.68 -26.74
N MET B 155 -15.45 12.67 -27.96
CA MET B 155 -15.34 11.41 -28.69
C MET B 155 -14.36 10.46 -28.00
N LEU B 156 -13.22 10.99 -27.55
CA LEU B 156 -12.28 10.17 -26.80
C LEU B 156 -12.92 9.65 -25.51
N LEU B 157 -13.71 10.49 -24.84
CA LEU B 157 -14.34 10.07 -23.60
C LEU B 157 -15.33 8.95 -23.83
N PHE B 158 -16.17 9.09 -24.85
CA PHE B 158 -17.16 8.06 -25.14
C PHE B 158 -16.49 6.71 -25.38
N ALA B 159 -15.37 6.72 -26.10
CA ALA B 159 -14.68 5.46 -26.40
C ALA B 159 -14.00 4.90 -25.15
N TRP B 160 -13.38 5.77 -24.35
CA TRP B 160 -12.72 5.31 -23.13
C TRP B 160 -13.72 4.75 -22.13
N GLU B 161 -14.79 5.50 -21.85
CA GLU B 161 -15.79 5.04 -20.89
C GLU B 161 -16.54 3.82 -21.44
N GLY B 162 -16.90 3.85 -22.72
CA GLY B 162 -17.59 2.72 -23.31
C GLY B 162 -16.82 1.43 -23.17
N TRP B 163 -15.51 1.48 -23.43
CA TRP B 163 -14.72 0.25 -23.39
C TRP B 163 -14.56 -0.26 -21.96
N HIS B 164 -14.17 0.63 -21.04
CA HIS B 164 -13.95 0.20 -19.66
C HIS B 164 -15.22 -0.38 -19.06
N ASN B 165 -16.38 0.18 -19.39
CA ASN B 165 -17.63 -0.36 -18.86
C ASN B 165 -17.97 -1.70 -19.52
N ALA B 166 -17.77 -1.81 -20.83
CA ALA B 166 -18.20 -3.00 -21.55
C ALA B 166 -17.37 -4.22 -21.15
N ALA B 167 -16.05 -4.04 -20.98
CA ALA B 167 -15.17 -5.15 -20.65
C ALA B 167 -15.08 -5.38 -19.15
N GLY B 168 -14.88 -4.32 -18.38
CA GLY B 168 -14.66 -4.45 -16.95
C GLY B 168 -15.83 -5.03 -16.18
N ILE B 169 -16.99 -4.36 -16.26
CA ILE B 169 -18.12 -4.70 -15.39
C ILE B 169 -18.45 -6.19 -15.42
N PRO B 170 -18.68 -6.81 -16.59
CA PRO B 170 -19.05 -8.23 -16.60
C PRO B 170 -17.95 -9.17 -16.14
N LEU B 171 -16.70 -8.71 -16.05
CA LEU B 171 -15.60 -9.59 -15.70
C LEU B 171 -15.42 -9.74 -14.19
N LYS B 172 -15.82 -8.74 -13.41
CA LYS B 172 -15.50 -8.72 -11.98
C LYS B 172 -15.91 -10.00 -11.27
N PRO B 173 -17.18 -10.41 -11.32
CA PRO B 173 -17.56 -11.63 -10.59
C PRO B 173 -16.77 -12.85 -11.04
N LEU B 174 -16.39 -12.93 -12.32
CA LEU B 174 -15.57 -14.04 -12.78
C LEU B 174 -14.17 -13.95 -12.20
N TYR B 175 -13.57 -12.76 -12.20
CA TYR B 175 -12.20 -12.64 -11.71
C TYR B 175 -12.10 -12.94 -10.22
N GLU B 176 -13.14 -12.59 -9.45
N GLU B 176 -13.14 -12.59 -9.45
CA GLU B 176 -13.14 -12.94 -8.03
CA GLU B 176 -13.15 -12.93 -8.03
C GLU B 176 -13.08 -14.45 -7.85
C GLU B 176 -13.08 -14.45 -7.84
N ASP B 177 -13.87 -15.19 -8.61
CA ASP B 177 -13.86 -16.65 -8.49
C ASP B 177 -12.54 -17.24 -8.95
N PHE B 178 -11.96 -16.69 -10.01
CA PHE B 178 -10.68 -17.20 -10.49
C PHE B 178 -9.60 -17.02 -9.43
N THR B 179 -9.51 -15.82 -8.85
CA THR B 179 -8.47 -15.53 -7.88
C THR B 179 -8.51 -16.51 -6.71
N ALA B 180 -9.72 -16.86 -6.25
CA ALA B 180 -9.83 -17.79 -5.13
C ALA B 180 -9.34 -19.18 -5.54
N LEU B 181 -9.77 -19.66 -6.71
CA LEU B 181 -9.34 -20.97 -7.16
C LEU B 181 -7.84 -20.99 -7.43
N SER B 182 -7.31 -19.92 -8.01
CA SER B 182 -5.87 -19.86 -8.28
C SER B 182 -5.08 -19.96 -6.98
N ASN B 183 -5.47 -19.19 -5.95
CA ASN B 183 -4.74 -19.21 -4.69
C ASN B 183 -4.84 -20.58 -4.03
N GLU B 184 -6.04 -21.17 -4.00
CA GLU B 184 -6.19 -22.50 -3.44
C GLU B 184 -5.25 -23.48 -4.12
N ALA B 185 -5.08 -23.36 -5.43
CA ALA B 185 -4.23 -24.29 -6.17
C ALA B 185 -2.78 -24.19 -5.72
N TYR B 186 -2.22 -22.98 -5.76
CA TYR B 186 -0.80 -22.82 -5.53
C TYR B 186 -0.43 -22.85 -4.04
N LYS B 187 -1.39 -22.63 -3.14
CA LYS B 187 -1.07 -22.78 -1.72
C LYS B 187 -0.66 -24.21 -1.40
N GLN B 188 -1.23 -25.19 -2.10
CA GLN B 188 -0.85 -26.58 -1.89
C GLN B 188 0.57 -26.88 -2.36
N ASP B 189 1.17 -26.00 -3.16
CA ASP B 189 2.56 -26.13 -3.56
C ASP B 189 3.54 -25.44 -2.61
N GLY B 190 3.04 -24.81 -1.54
CA GLY B 190 3.88 -24.15 -0.57
C GLY B 190 3.97 -22.64 -0.72
N PHE B 191 3.30 -22.06 -1.71
CA PHE B 191 3.33 -20.61 -1.91
C PHE B 191 2.23 -19.95 -1.09
N THR B 192 2.55 -18.76 -0.55
CA THR B 192 1.54 -18.01 0.19
C THR B 192 0.36 -17.67 -0.69
N ASP B 193 0.62 -17.29 -1.94
CA ASP B 193 -0.45 -16.99 -2.89
C ASP B 193 0.13 -17.05 -4.30
N THR B 194 -0.75 -16.92 -5.29
CA THR B 194 -0.33 -17.02 -6.68
C THR B 194 0.73 -15.98 -7.03
N GLY B 195 0.59 -14.76 -6.49
CA GLY B 195 1.58 -13.73 -6.78
C GLY B 195 2.98 -14.12 -6.32
N ALA B 196 3.07 -14.85 -5.20
CA ALA B 196 4.37 -15.33 -4.74
C ALA B 196 4.94 -16.36 -5.71
N TYR B 197 4.08 -17.18 -6.33
CA TYR B 197 4.55 -18.11 -7.35
C TYR B 197 5.08 -17.35 -8.56
N TRP B 198 4.34 -16.34 -9.02
CA TRP B 198 4.78 -15.55 -10.17
C TRP B 198 6.12 -14.90 -9.90
N ARG B 199 6.30 -14.34 -8.70
CA ARG B 199 7.56 -13.66 -8.39
C ARG B 199 8.71 -14.63 -8.25
N SER B 200 8.43 -15.87 -7.83
CA SER B 200 9.50 -16.86 -7.68
C SER B 200 10.21 -17.14 -9.00
N TRP B 201 9.58 -16.80 -10.13
CA TRP B 201 10.19 -17.08 -11.42
C TRP B 201 11.51 -16.34 -11.60
N TYR B 202 11.70 -15.23 -10.91
CA TYR B 202 12.91 -14.43 -11.04
C TYR B 202 14.01 -14.85 -10.07
N ASN B 203 13.74 -15.82 -9.20
CA ASN B 203 14.74 -16.41 -8.31
C ASN B 203 15.62 -15.33 -7.69
N SER B 204 14.98 -14.43 -6.97
CA SER B 204 15.67 -13.33 -6.31
C SER B 204 15.00 -12.99 -4.98
N PRO B 205 15.71 -13.05 -3.86
CA PRO B 205 15.07 -12.69 -2.57
C PRO B 205 14.77 -11.22 -2.45
N THR B 206 15.47 -10.36 -3.19
CA THR B 206 15.28 -8.91 -3.13
C THR B 206 14.51 -8.38 -4.32
N PHE B 207 13.70 -9.22 -4.98
CA PHE B 207 13.06 -8.84 -6.24
C PHE B 207 12.30 -7.52 -6.10
N GLU B 208 11.33 -7.48 -5.18
CA GLU B 208 10.48 -6.30 -5.09
C GLU B 208 11.28 -5.07 -4.66
N ASP B 209 12.28 -5.26 -3.78
CA ASP B 209 13.15 -4.15 -3.42
C ASP B 209 13.98 -3.69 -4.61
N ASP B 210 14.50 -4.63 -5.39
CA ASP B 210 15.30 -4.26 -6.57
C ASP B 210 14.47 -3.47 -7.57
N LEU B 211 13.19 -3.84 -7.75
CA LEU B 211 12.33 -3.11 -8.66
C LEU B 211 12.10 -1.68 -8.19
N GLU B 212 11.75 -1.52 -6.91
CA GLU B 212 11.53 -0.18 -6.37
C GLU B 212 12.76 0.69 -6.56
N HIS B 213 13.95 0.13 -6.33
CA HIS B 213 15.17 0.91 -6.47
C HIS B 213 15.40 1.31 -7.93
N LEU B 214 15.09 0.41 -8.86
CA LEU B 214 15.17 0.76 -10.28
C LEU B 214 14.19 1.88 -10.60
N TYR B 215 12.95 1.78 -10.13
CA TYR B 215 11.96 2.79 -10.47
C TYR B 215 12.33 4.15 -9.88
N GLN B 216 12.97 4.17 -8.72
CA GLN B 216 13.41 5.44 -8.14
C GLN B 216 14.37 6.17 -9.08
N GLN B 217 15.19 5.42 -9.82
CA GLN B 217 16.12 6.05 -10.75
C GLN B 217 15.40 6.55 -12.00
N LEU B 218 14.29 5.91 -12.37
CA LEU B 218 13.58 6.25 -13.58
C LEU B 218 12.50 7.29 -13.38
N GLU B 219 11.96 7.40 -12.16
CA GLU B 219 10.83 8.29 -11.94
C GLU B 219 11.11 9.73 -12.35
N PRO B 220 12.28 10.31 -12.07
CA PRO B 220 12.50 11.70 -12.53
C PRO B 220 12.32 11.88 -14.02
N LEU B 221 12.74 10.90 -14.83
CA LEU B 221 12.54 11.00 -16.27
C LEU B 221 11.07 11.05 -16.61
N TYR B 222 10.26 10.19 -15.98
CA TYR B 222 8.83 10.18 -16.27
C TYR B 222 8.17 11.49 -15.84
N LEU B 223 8.54 12.00 -14.67
CA LEU B 223 7.89 13.21 -14.17
C LEU B 223 8.09 14.38 -15.12
N ASN B 224 9.28 14.49 -15.70
CA ASN B 224 9.54 15.60 -16.63
C ASN B 224 8.80 15.39 -17.95
N LEU B 225 8.76 14.16 -18.45
CA LEU B 225 7.96 13.87 -19.64
C LEU B 225 6.50 14.16 -19.38
N HIS B 226 5.99 13.68 -18.24
CA HIS B 226 4.60 13.93 -17.85
C HIS B 226 4.29 15.42 -17.87
N ALA B 227 5.10 16.21 -17.17
CA ALA B 227 4.84 17.65 -17.10
C ALA B 227 4.87 18.29 -18.49
N PHE B 228 5.83 17.88 -19.32
CA PHE B 228 5.95 18.47 -20.66
C PHE B 228 4.73 18.14 -21.51
N VAL B 229 4.29 16.89 -21.47
CA VAL B 229 3.10 16.49 -22.22
C VAL B 229 1.86 17.15 -21.67
N ARG B 230 1.77 17.28 -20.35
CA ARG B 230 0.60 17.94 -19.75
C ARG B 230 0.46 19.37 -20.26
N ARG B 231 1.58 20.08 -20.43
CA ARG B 231 1.53 21.45 -20.93
C ARG B 231 0.95 21.48 -22.35
N ALA B 232 1.31 20.50 -23.18
CA ALA B 232 0.80 20.47 -24.54
C ALA B 232 -0.69 20.16 -24.57
N LEU B 233 -1.13 19.19 -23.76
CA LEU B 233 -2.56 18.90 -23.69
C LEU B 233 -3.34 20.10 -23.16
N HIS B 234 -2.72 20.89 -22.29
CA HIS B 234 -3.37 22.10 -21.79
C HIS B 234 -3.56 23.12 -22.91
N ARG B 235 -2.53 23.29 -23.75
CA ARG B 235 -2.65 24.20 -24.88
C ARG B 235 -3.80 23.80 -25.80
N ARG B 236 -4.10 22.52 -25.89
N ARG B 236 -4.09 22.51 -25.91
CA ARG B 236 -5.08 21.98 -26.82
CA ARG B 236 -5.13 22.08 -26.83
C ARG B 236 -6.50 21.96 -26.24
C ARG B 236 -6.52 22.11 -26.18
N TYR B 237 -6.66 21.48 -25.01
CA TYR B 237 -7.98 21.31 -24.41
C TYR B 237 -8.36 22.40 -23.42
N GLY B 238 -7.39 23.20 -22.95
CA GLY B 238 -7.72 24.33 -22.11
C GLY B 238 -7.67 24.03 -20.62
N ASP B 239 -7.95 25.08 -19.85
CA ASP B 239 -7.87 25.00 -18.39
C ASP B 239 -9.03 24.21 -17.79
N ARG B 240 -10.15 24.08 -18.50
CA ARG B 240 -11.29 23.35 -17.95
C ARG B 240 -11.02 21.85 -17.87
N TYR B 241 -10.25 21.31 -18.81
CA TYR B 241 -10.04 19.87 -18.90
C TYR B 241 -8.64 19.42 -18.50
N ILE B 242 -7.70 20.35 -18.37
CA ILE B 242 -6.33 20.03 -17.99
C ILE B 242 -5.96 20.88 -16.79
N ASN B 243 -5.49 20.22 -15.73
CA ASN B 243 -5.00 20.88 -14.53
C ASN B 243 -3.48 20.77 -14.55
N LEU B 244 -2.80 21.91 -14.73
CA LEU B 244 -1.35 21.91 -14.83
C LEU B 244 -0.65 21.47 -13.56
N ARG B 245 -1.39 21.30 -12.46
CA ARG B 245 -0.83 20.80 -11.21
C ARG B 245 -1.49 19.50 -10.77
N GLY B 246 -2.27 18.86 -11.64
CA GLY B 246 -2.97 17.66 -11.31
C GLY B 246 -2.75 16.55 -12.32
N PRO B 247 -3.35 15.39 -12.08
CA PRO B 247 -3.17 14.27 -13.00
C PRO B 247 -3.82 14.53 -14.35
N ILE B 248 -3.30 13.85 -15.37
CA ILE B 248 -3.79 13.99 -16.73
C ILE B 248 -5.01 13.09 -16.92
N PRO B 249 -6.10 13.58 -17.51
CA PRO B 249 -7.22 12.67 -17.82
C PRO B 249 -6.77 11.49 -18.66
N ALA B 250 -7.18 10.30 -18.25
CA ALA B 250 -6.60 9.06 -18.73
C ALA B 250 -6.92 8.74 -20.19
N HIS B 251 -7.70 9.56 -20.89
CA HIS B 251 -8.13 9.24 -22.25
C HIS B 251 -7.51 10.14 -23.30
N LEU B 252 -6.55 10.98 -22.92
CA LEU B 252 -6.02 12.01 -23.81
C LEU B 252 -4.61 11.72 -24.29
N LEU B 253 -4.07 10.52 -24.02
CA LEU B 253 -2.67 10.23 -24.27
C LEU B 253 -2.46 9.28 -25.44
N GLY B 254 -3.49 9.08 -26.27
CA GLY B 254 -3.36 8.34 -27.50
C GLY B 254 -3.52 6.84 -27.39
N ASP B 255 -3.86 6.35 -26.20
CA ASP B 255 -3.89 4.91 -25.93
C ASP B 255 -4.98 4.65 -24.90
N MET B 256 -5.71 3.54 -25.10
CA MET B 256 -6.83 3.24 -24.21
C MET B 256 -6.42 3.18 -22.76
N TRP B 257 -5.17 2.77 -22.48
CA TRP B 257 -4.66 2.62 -21.13
C TRP B 257 -3.59 3.65 -20.78
N ALA B 258 -3.35 4.62 -21.67
CA ALA B 258 -2.33 5.64 -21.47
C ALA B 258 -0.96 5.01 -21.20
N GLN B 259 -0.74 3.81 -21.74
CA GLN B 259 0.47 3.05 -21.47
C GLN B 259 1.62 3.44 -22.39
N SER B 260 1.34 4.06 -23.53
CA SER B 260 2.37 4.60 -24.40
C SER B 260 1.76 5.80 -25.10
N TRP B 261 2.57 6.85 -25.28
CA TRP B 261 2.07 8.15 -25.71
C TRP B 261 2.49 8.52 -27.13
N GLU B 262 3.01 7.56 -27.90
CA GLU B 262 3.52 7.89 -29.23
C GLU B 262 2.48 8.57 -30.11
N ASN B 263 1.20 8.24 -29.92
CA ASN B 263 0.16 8.73 -30.83
C ASN B 263 -0.10 10.22 -30.70
N ILE B 264 0.34 10.85 -29.62
CA ILE B 264 0.20 12.30 -29.47
C ILE B 264 1.51 13.01 -29.78
N TYR B 265 2.45 12.31 -30.44
CA TYR B 265 3.73 12.94 -30.79
C TYR B 265 3.51 14.20 -31.61
N ASP B 266 2.54 14.18 -32.52
CA ASP B 266 2.33 15.33 -33.39
C ASP B 266 1.94 16.58 -32.61
N MET B 267 1.41 16.44 -31.40
CA MET B 267 1.03 17.59 -30.58
C MET B 267 2.17 18.08 -29.70
N VAL B 268 3.21 17.28 -29.48
CA VAL B 268 4.29 17.62 -28.57
C VAL B 268 5.64 17.68 -29.27
N VAL B 269 5.69 17.40 -30.57
CA VAL B 269 6.96 17.41 -31.30
C VAL B 269 7.68 18.72 -31.04
N PRO B 270 8.88 18.69 -30.44
CA PRO B 270 9.58 19.96 -30.15
C PRO B 270 9.75 20.86 -31.36
N PHE B 271 10.35 20.34 -32.42
CA PHE B 271 10.67 21.15 -33.59
C PHE B 271 9.85 20.68 -34.77
N PRO B 272 8.60 21.11 -34.88
CA PRO B 272 7.70 20.53 -35.90
C PRO B 272 8.12 20.80 -37.33
N ASP B 273 9.03 21.75 -37.57
CA ASP B 273 9.46 22.05 -38.93
C ASP B 273 10.28 20.91 -39.55
N LYS B 274 10.85 20.03 -38.72
CA LYS B 274 11.71 18.97 -39.20
C LYS B 274 10.88 17.84 -39.81
N PRO B 275 11.51 16.95 -40.59
CA PRO B 275 10.76 15.84 -41.17
C PRO B 275 10.03 15.02 -40.10
N ASN B 276 8.91 14.43 -40.51
CA ASN B 276 8.05 13.69 -39.59
C ASN B 276 8.64 12.31 -39.33
N LEU B 277 9.03 12.05 -38.09
CA LEU B 277 9.57 10.75 -37.71
C LEU B 277 8.50 9.69 -37.53
N ASP B 278 7.22 10.05 -37.66
CA ASP B 278 6.13 9.08 -37.69
C ASP B 278 5.89 8.73 -39.15
N VAL B 279 6.35 7.53 -39.55
CA VAL B 279 6.41 7.18 -40.96
C VAL B 279 5.12 6.49 -41.40
N THR B 280 4.10 6.52 -40.55
CA THR B 280 2.85 5.83 -40.88
C THR B 280 2.31 6.29 -42.23
N SER B 281 2.23 7.61 -42.43
CA SER B 281 1.71 8.12 -43.70
C SER B 281 2.54 7.65 -44.88
N THR B 282 3.86 7.62 -44.71
CA THR B 282 4.72 7.13 -45.79
C THR B 282 4.51 5.64 -46.02
N MET B 283 4.27 4.87 -44.94
CA MET B 283 3.97 3.44 -45.10
C MET B 283 2.72 3.24 -45.93
N LEU B 284 1.67 4.02 -45.65
CA LEU B 284 0.42 3.86 -46.39
C LEU B 284 0.57 4.36 -47.82
N GLN B 285 1.33 5.44 -48.02
CA GLN B 285 1.54 5.96 -49.37
C GLN B 285 2.27 4.94 -50.23
N GLN B 286 3.21 4.20 -49.65
CA GLN B 286 3.97 3.22 -50.41
C GLN B 286 3.25 1.88 -50.56
N GLY B 287 2.13 1.69 -49.85
CA GLY B 287 1.35 0.47 -50.00
C GLY B 287 1.75 -0.65 -49.07
N TRP B 288 2.39 -0.36 -47.96
CA TRP B 288 2.75 -1.40 -47.00
C TRP B 288 1.52 -2.20 -46.58
N GLN B 289 1.71 -3.49 -46.38
CA GLN B 289 0.68 -4.39 -45.91
C GLN B 289 1.25 -5.25 -44.78
N ALA B 290 0.37 -6.01 -44.13
CA ALA B 290 0.79 -6.81 -42.99
C ALA B 290 1.99 -7.69 -43.35
N THR B 291 1.91 -8.39 -44.48
CA THR B 291 2.95 -9.35 -44.83
C THR B 291 4.29 -8.66 -45.05
N HIS B 292 4.27 -7.45 -45.63
CA HIS B 292 5.52 -6.73 -45.86
C HIS B 292 6.18 -6.33 -44.55
N MET B 293 5.37 -5.96 -43.55
CA MET B 293 5.92 -5.61 -42.25
C MET B 293 6.64 -6.80 -41.62
N PHE B 294 6.05 -7.99 -41.70
CA PHE B 294 6.68 -9.17 -41.13
C PHE B 294 7.93 -9.57 -41.89
N ARG B 295 7.94 -9.38 -43.21
CA ARG B 295 9.14 -9.70 -43.99
C ARG B 295 10.27 -8.74 -43.67
N VAL B 296 9.96 -7.47 -43.47
CA VAL B 296 10.98 -6.50 -43.10
C VAL B 296 11.55 -6.82 -41.73
N ALA B 297 10.69 -7.22 -40.80
CA ALA B 297 11.18 -7.67 -39.50
C ALA B 297 12.08 -8.90 -39.66
N GLU B 298 11.59 -9.92 -40.37
CA GLU B 298 12.37 -11.13 -40.59
C GLU B 298 13.75 -10.81 -41.14
N GLU B 299 13.81 -9.92 -42.14
CA GLU B 299 15.08 -9.66 -42.80
C GLU B 299 16.09 -9.04 -41.83
N PHE B 300 15.63 -8.29 -40.83
CA PHE B 300 16.55 -7.78 -39.82
C PHE B 300 17.15 -8.92 -39.02
N PHE B 301 16.32 -9.86 -38.57
CA PHE B 301 16.83 -10.99 -37.81
C PHE B 301 17.86 -11.77 -38.62
N THR B 302 17.56 -12.06 -39.89
CA THR B 302 18.49 -12.83 -40.70
C THR B 302 19.73 -12.02 -41.05
N SER B 303 19.63 -10.69 -41.07
CA SER B 303 20.83 -9.88 -41.28
C SER B 303 21.84 -10.11 -40.17
N LEU B 304 21.36 -10.47 -38.97
CA LEU B 304 22.20 -10.83 -37.84
C LEU B 304 22.59 -12.30 -37.87
N GLU B 305 22.24 -13.02 -38.93
CA GLU B 305 22.46 -14.46 -39.02
C GLU B 305 21.69 -15.23 -37.95
N LEU B 306 20.54 -14.71 -37.55
CA LEU B 306 19.56 -15.49 -36.83
C LEU B 306 18.69 -16.23 -37.83
N SER B 307 17.73 -17.00 -37.35
CA SER B 307 16.98 -17.86 -38.25
C SER B 307 15.85 -17.11 -38.94
N PRO B 308 15.53 -17.46 -40.18
CA PRO B 308 14.31 -16.95 -40.80
C PRO B 308 13.08 -17.65 -40.23
N MET B 309 11.92 -17.13 -40.58
CA MET B 309 10.67 -17.78 -40.17
C MET B 309 10.48 -19.04 -40.99
N PRO B 310 10.10 -20.16 -40.38
CA PRO B 310 9.94 -21.40 -41.14
C PRO B 310 8.69 -21.36 -42.00
N PRO B 311 8.59 -22.25 -43.00
CA PRO B 311 7.36 -22.29 -43.81
C PRO B 311 6.11 -22.47 -42.97
N GLU B 312 6.19 -23.28 -41.91
CA GLU B 312 5.02 -23.50 -41.07
C GLU B 312 4.51 -22.19 -40.47
N PHE B 313 5.40 -21.22 -40.26
CA PHE B 313 4.97 -19.93 -39.71
C PHE B 313 4.12 -19.16 -40.70
N TRP B 314 4.55 -19.10 -41.97
CA TRP B 314 3.81 -18.32 -42.94
C TRP B 314 2.50 -18.99 -43.31
N GLU B 315 2.47 -20.32 -43.34
CA GLU B 315 1.25 -21.04 -43.72
C GLU B 315 0.23 -21.10 -42.59
N GLY B 316 0.64 -20.89 -41.34
CA GLY B 316 -0.25 -21.11 -40.22
C GLY B 316 -0.63 -19.86 -39.46
N SER B 317 0.16 -18.80 -39.60
CA SER B 317 -0.08 -17.60 -38.82
C SER B 317 -1.32 -16.86 -39.30
N MET B 318 -1.90 -16.06 -38.40
CA MET B 318 -2.99 -15.15 -38.72
C MET B 318 -2.45 -13.74 -38.55
N LEU B 319 -2.07 -13.11 -39.66
CA LEU B 319 -1.43 -11.81 -39.63
C LEU B 319 -2.39 -10.66 -39.96
N GLU B 320 -3.66 -10.96 -40.22
CA GLU B 320 -4.68 -9.95 -40.44
C GLU B 320 -5.98 -10.39 -39.79
N LYS B 321 -6.81 -9.43 -39.42
CA LYS B 321 -8.10 -9.74 -38.86
C LYS B 321 -8.97 -10.39 -39.93
N PRO B 322 -9.55 -11.58 -39.67
CA PRO B 322 -10.41 -12.20 -40.68
C PRO B 322 -11.63 -11.34 -40.99
N ALA B 323 -11.97 -11.27 -42.28
CA ALA B 323 -13.16 -10.58 -42.74
C ALA B 323 -14.34 -11.53 -42.95
N ASP B 324 -14.23 -12.77 -42.47
CA ASP B 324 -15.21 -13.81 -42.73
C ASP B 324 -16.25 -13.93 -41.63
N GLY B 325 -16.37 -12.92 -40.77
CA GLY B 325 -17.33 -12.95 -39.69
C GLY B 325 -16.83 -13.58 -38.41
N ARG B 326 -15.59 -14.07 -38.39
CA ARG B 326 -15.08 -14.75 -37.20
C ARG B 326 -14.79 -13.74 -36.09
N GLU B 327 -15.17 -14.13 -34.87
CA GLU B 327 -14.67 -13.46 -33.67
C GLU B 327 -13.29 -14.01 -33.37
N VAL B 328 -12.34 -13.12 -33.09
CA VAL B 328 -10.97 -13.51 -32.83
C VAL B 328 -10.42 -12.71 -31.66
N VAL B 329 -9.44 -13.29 -30.98
CA VAL B 329 -8.61 -12.57 -30.02
C VAL B 329 -7.61 -11.77 -30.84
N CYS B 330 -7.84 -10.46 -30.99
CA CYS B 330 -6.97 -9.66 -31.83
C CYS B 330 -5.67 -9.27 -31.13
N HIS B 331 -5.61 -9.33 -29.80
CA HIS B 331 -4.39 -9.02 -29.09
C HIS B 331 -3.24 -9.89 -29.63
N ALA B 332 -2.17 -9.23 -30.07
CA ALA B 332 -1.09 -9.92 -30.76
C ALA B 332 -0.36 -10.88 -29.83
N SER B 333 0.02 -12.03 -30.36
CA SER B 333 0.70 -13.05 -29.56
C SER B 333 1.51 -13.96 -30.46
N ALA B 334 2.56 -14.56 -29.88
CA ALA B 334 3.45 -15.48 -30.58
C ALA B 334 3.37 -16.85 -29.93
N TRP B 335 3.21 -17.88 -30.76
CA TRP B 335 2.80 -19.21 -30.30
C TRP B 335 3.86 -20.26 -30.56
N ASP B 336 4.19 -21.03 -29.52
CA ASP B 336 5.07 -22.18 -29.60
C ASP B 336 4.23 -23.42 -29.30
N PHE B 337 4.09 -24.31 -30.29
CA PHE B 337 3.28 -25.50 -30.15
C PHE B 337 4.04 -26.67 -29.53
N TYR B 338 5.31 -26.48 -29.17
CA TYR B 338 6.11 -27.49 -28.48
C TYR B 338 6.19 -28.79 -29.27
N ASN B 339 6.22 -28.69 -30.60
CA ASN B 339 6.52 -29.83 -31.47
C ASN B 339 7.76 -29.58 -32.31
N ARG B 340 8.48 -28.48 -32.09
CA ARG B 340 9.70 -28.14 -32.79
C ARG B 340 9.47 -27.90 -34.29
N LYS B 341 8.23 -27.67 -34.70
CA LYS B 341 7.93 -27.45 -36.10
C LYS B 341 7.00 -26.25 -36.29
N ASP B 342 5.95 -26.16 -35.48
CA ASP B 342 4.91 -25.16 -35.66
C ASP B 342 5.15 -23.97 -34.75
N PHE B 343 5.33 -22.79 -35.35
CA PHE B 343 5.48 -21.53 -34.65
C PHE B 343 4.66 -20.50 -35.40
N ARG B 344 3.81 -19.76 -34.70
CA ARG B 344 2.85 -18.88 -35.36
C ARG B 344 2.66 -17.59 -34.58
N ILE B 345 2.30 -16.54 -35.31
CA ILE B 345 1.85 -15.28 -34.73
C ILE B 345 0.38 -15.10 -35.06
N LYS B 346 -0.38 -14.60 -34.09
CA LYS B 346 -1.78 -14.22 -34.28
C LYS B 346 -1.88 -12.73 -33.99
N GLN B 347 -2.07 -11.94 -35.03
CA GLN B 347 -2.09 -10.49 -34.89
C GLN B 347 -3.05 -9.90 -35.91
N CYS B 348 -3.87 -8.95 -35.45
CA CYS B 348 -4.75 -8.18 -36.34
C CYS B 348 -3.97 -6.95 -36.79
N THR B 349 -3.06 -7.17 -37.72
CA THR B 349 -2.05 -6.18 -38.04
C THR B 349 -2.64 -4.98 -38.77
N ARG B 350 -2.24 -3.79 -38.35
CA ARG B 350 -2.59 -2.55 -39.01
C ARG B 350 -1.32 -1.89 -39.51
N VAL B 351 -1.44 -1.15 -40.62
CA VAL B 351 -0.29 -0.51 -41.23
C VAL B 351 -0.01 0.80 -40.51
N THR B 352 0.80 0.75 -39.46
CA THR B 352 1.23 1.92 -38.72
C THR B 352 2.65 1.67 -38.23
N MET B 353 3.33 2.76 -37.88
CA MET B 353 4.69 2.66 -37.35
C MET B 353 4.72 1.84 -36.05
N ASP B 354 3.80 2.14 -35.12
CA ASP B 354 3.81 1.41 -33.85
C ASP B 354 3.49 -0.07 -34.04
N GLN B 355 2.66 -0.40 -35.03
CA GLN B 355 2.41 -1.80 -35.33
C GLN B 355 3.65 -2.48 -35.89
N LEU B 356 4.50 -1.74 -36.59
CA LEU B 356 5.76 -2.31 -37.05
C LEU B 356 6.62 -2.73 -35.86
N SER B 357 6.65 -1.91 -34.81
CA SER B 357 7.35 -2.28 -33.59
C SER B 357 6.71 -3.50 -32.94
N THR B 358 5.38 -3.57 -32.94
CA THR B 358 4.70 -4.75 -32.41
C THR B 358 5.09 -6.00 -33.19
N VAL B 359 5.19 -5.89 -34.51
CA VAL B 359 5.61 -7.03 -35.33
C VAL B 359 6.99 -7.52 -34.89
N HIS B 360 7.92 -6.58 -34.69
CA HIS B 360 9.26 -6.97 -34.25
C HIS B 360 9.20 -7.63 -32.88
N HIS B 361 8.41 -7.05 -31.97
CA HIS B 361 8.26 -7.61 -30.64
C HIS B 361 7.80 -9.07 -30.71
N GLU B 362 6.78 -9.34 -31.52
CA GLU B 362 6.26 -10.71 -31.59
C GLU B 362 7.23 -11.64 -32.30
N MET B 363 7.87 -11.17 -33.38
CA MET B 363 8.85 -12.01 -34.05
C MET B 363 10.04 -12.30 -33.15
N GLY B 364 10.32 -11.41 -32.19
CA GLY B 364 11.34 -11.72 -31.21
C GLY B 364 11.02 -12.97 -30.40
N HIS B 365 9.74 -13.17 -30.08
CA HIS B 365 9.31 -14.39 -29.42
C HIS B 365 9.58 -15.60 -30.30
N ILE B 366 9.15 -15.53 -31.56
CA ILE B 366 9.35 -16.65 -32.47
C ILE B 366 10.82 -17.00 -32.56
N GLN B 367 11.67 -15.98 -32.69
CA GLN B 367 13.10 -16.22 -32.77
C GLN B 367 13.60 -16.98 -31.54
N TYR B 368 13.16 -16.57 -30.36
CA TYR B 368 13.47 -17.34 -29.15
C TYR B 368 13.04 -18.79 -29.29
N TYR B 369 11.77 -19.00 -29.68
CA TYR B 369 11.26 -20.36 -29.85
C TYR B 369 12.16 -21.16 -30.79
N LEU B 370 12.50 -20.58 -31.95
CA LEU B 370 13.27 -21.31 -32.94
C LEU B 370 14.66 -21.65 -32.44
N GLN B 371 15.24 -20.79 -31.59
CA GLN B 371 16.62 -20.97 -31.17
C GLN B 371 16.78 -22.00 -30.07
N TYR B 372 15.72 -22.31 -29.31
CA TYR B 372 15.81 -23.30 -28.24
C TYR B 372 14.83 -24.45 -28.42
N LYS B 373 14.33 -24.67 -29.62
CA LYS B 373 13.36 -25.74 -29.84
C LYS B 373 13.95 -27.13 -29.58
N ASP B 374 15.27 -27.28 -29.69
CA ASP B 374 15.93 -28.56 -29.50
C ASP B 374 16.29 -28.83 -28.04
N LEU B 375 16.08 -27.86 -27.14
CA LEU B 375 16.27 -28.08 -25.72
C LEU B 375 15.09 -28.87 -25.14
N PRO B 376 15.28 -29.49 -23.97
CA PRO B 376 14.14 -30.08 -23.27
C PRO B 376 13.06 -29.03 -23.04
N VAL B 377 11.82 -29.50 -22.89
CA VAL B 377 10.68 -28.58 -22.88
C VAL B 377 10.73 -27.66 -21.67
N SER B 378 11.19 -28.16 -20.53
CA SER B 378 11.21 -27.34 -19.32
C SER B 378 12.18 -26.18 -19.43
N LEU B 379 13.13 -26.24 -20.37
CA LEU B 379 14.06 -25.16 -20.61
C LEU B 379 13.65 -24.28 -21.79
N ARG B 380 12.52 -24.58 -22.44
CA ARG B 380 12.05 -23.79 -23.58
C ARG B 380 11.27 -22.58 -23.06
N ARG B 381 12.01 -21.69 -22.43
CA ARG B 381 11.47 -20.42 -21.94
C ARG B 381 12.65 -19.47 -21.81
N GLY B 382 12.33 -18.18 -21.64
CA GLY B 382 13.38 -17.20 -21.46
C GLY B 382 14.15 -17.45 -20.17
N ALA B 383 15.39 -16.94 -20.14
CA ALA B 383 16.17 -17.00 -18.91
C ALA B 383 15.33 -16.53 -17.73
N ASN B 384 14.58 -15.45 -17.92
CA ASN B 384 13.42 -15.12 -17.12
C ASN B 384 12.41 -14.48 -18.06
N PRO B 385 11.14 -14.41 -17.66
CA PRO B 385 10.12 -13.89 -18.59
C PRO B 385 10.46 -12.54 -19.20
N GLY B 386 11.23 -11.69 -18.51
CA GLY B 386 11.60 -10.41 -19.07
C GLY B 386 12.52 -10.51 -20.27
N PHE B 387 13.41 -11.51 -20.27
CA PHE B 387 14.25 -11.76 -21.44
C PHE B 387 13.40 -11.95 -22.68
N HIS B 388 12.36 -12.78 -22.58
CA HIS B 388 11.54 -13.10 -23.73
C HIS B 388 10.88 -11.85 -24.30
N GLU B 389 10.45 -10.94 -23.43
CA GLU B 389 9.79 -9.71 -23.87
C GLU B 389 10.75 -8.68 -24.44
N ALA B 390 12.06 -8.87 -24.30
CA ALA B 390 13.03 -7.85 -24.69
C ALA B 390 13.64 -8.09 -26.06
N ILE B 391 13.69 -9.34 -26.52
CA ILE B 391 14.46 -9.66 -27.73
C ILE B 391 14.01 -8.79 -28.90
N GLY B 392 12.71 -8.81 -29.21
CA GLY B 392 12.23 -8.06 -30.35
C GLY B 392 12.37 -6.56 -30.17
N ASP B 393 12.18 -6.07 -28.94
CA ASP B 393 12.26 -4.64 -28.69
C ASP B 393 13.68 -4.12 -28.91
N VAL B 394 14.69 -4.92 -28.60
CA VAL B 394 16.07 -4.48 -28.83
C VAL B 394 16.29 -4.21 -30.31
N LEU B 395 15.85 -5.13 -31.17
CA LEU B 395 15.99 -4.92 -32.60
C LEU B 395 15.20 -3.71 -33.06
N ALA B 396 14.03 -3.47 -32.47
CA ALA B 396 13.22 -2.33 -32.86
C ALA B 396 13.92 -1.01 -32.54
N LEU B 397 14.79 -0.99 -31.53
CA LEU B 397 15.54 0.22 -31.22
C LEU B 397 16.44 0.63 -32.38
N SER B 398 17.05 -0.34 -33.06
CA SER B 398 17.85 -0.02 -34.23
C SER B 398 16.97 0.37 -35.40
N VAL B 399 15.85 -0.34 -35.60
CA VAL B 399 14.98 -0.05 -36.73
C VAL B 399 14.41 1.36 -36.64
N SER B 400 14.17 1.85 -35.43
N SER B 400 14.18 1.85 -35.42
CA SER B 400 13.55 3.16 -35.25
CA SER B 400 13.55 3.16 -35.24
C SER B 400 14.51 4.32 -35.50
C SER B 400 14.50 4.32 -35.55
N THR B 401 15.81 4.06 -35.59
CA THR B 401 16.74 5.16 -35.83
C THR B 401 16.43 5.83 -37.16
N PRO B 402 16.45 7.16 -37.23
CA PRO B 402 16.20 7.82 -38.52
C PRO B 402 17.12 7.33 -39.62
N GLU B 403 18.36 6.95 -39.30
CA GLU B 403 19.26 6.42 -40.32
C GLU B 403 18.70 5.12 -40.90
N HIS B 404 18.26 4.20 -40.04
CA HIS B 404 17.75 2.93 -40.55
C HIS B 404 16.46 3.13 -41.32
N LEU B 405 15.53 3.91 -40.77
CA LEU B 405 14.31 4.26 -41.50
C LEU B 405 14.65 4.76 -42.90
N HIS B 406 15.69 5.59 -43.01
CA HIS B 406 16.11 6.07 -44.32
C HIS B 406 16.58 4.91 -45.19
N LYS B 407 17.24 3.92 -44.60
CA LYS B 407 17.75 2.80 -45.38
C LYS B 407 16.62 1.95 -45.95
N ILE B 408 15.52 1.81 -45.23
CA ILE B 408 14.42 0.98 -45.69
C ILE B 408 13.38 1.82 -46.43
N GLY B 409 13.73 3.06 -46.75
CA GLY B 409 12.93 3.86 -47.64
C GLY B 409 11.72 4.54 -47.03
N LEU B 410 11.64 4.62 -45.70
CA LEU B 410 10.51 5.26 -45.04
C LEU B 410 10.79 6.70 -44.61
N LEU B 411 11.97 7.23 -44.93
CA LEU B 411 12.32 8.56 -44.46
C LEU B 411 13.39 9.16 -45.37
N ASP B 412 13.16 10.36 -45.85
CA ASP B 412 14.21 11.11 -46.53
C ASP B 412 15.26 11.52 -45.50
N ARG B 413 16.52 11.49 -45.91
CA ARG B 413 17.63 11.60 -44.96
C ARG B 413 17.47 12.83 -44.09
N VAL B 414 17.64 12.64 -42.78
CA VAL B 414 17.51 13.70 -41.81
C VAL B 414 18.87 14.33 -41.59
N THR B 415 18.88 15.56 -41.06
CA THR B 415 20.11 16.24 -40.72
C THR B 415 20.57 15.79 -39.34
N ASN B 416 21.85 15.42 -39.22
CA ASN B 416 22.42 14.96 -37.96
C ASN B 416 22.74 16.18 -37.08
N ASP B 417 21.68 16.87 -36.68
CA ASP B 417 21.78 18.05 -35.83
C ASP B 417 21.12 17.75 -34.48
N THR B 418 21.23 18.72 -33.57
CA THR B 418 20.73 18.53 -32.21
C THR B 418 19.21 18.56 -32.16
N GLU B 419 18.58 19.31 -33.07
CA GLU B 419 17.12 19.41 -33.04
C GLU B 419 16.47 18.11 -33.52
N SER B 420 17.02 17.50 -34.56
CA SER B 420 16.50 16.20 -35.00
C SER B 420 16.73 15.13 -33.93
N ASP B 421 17.84 15.23 -33.19
CA ASP B 421 18.09 14.28 -32.12
C ASP B 421 17.06 14.40 -31.01
N ILE B 422 16.70 15.64 -30.65
CA ILE B 422 15.68 15.85 -29.63
C ILE B 422 14.33 15.33 -30.11
N ASN B 423 13.98 15.61 -31.36
CA ASN B 423 12.73 15.08 -31.92
C ASN B 423 12.67 13.57 -31.78
N TYR B 424 13.76 12.88 -32.14
CA TYR B 424 13.74 11.42 -32.11
C TYR B 424 13.67 10.90 -30.68
N LEU B 425 14.55 11.39 -29.79
CA LEU B 425 14.57 10.89 -28.43
C LEU B 425 13.26 11.17 -27.71
N LEU B 426 12.59 12.27 -28.04
CA LEU B 426 11.30 12.56 -27.43
C LEU B 426 10.24 11.57 -27.90
N LYS B 427 10.22 11.26 -29.20
CA LYS B 427 9.28 10.26 -29.69
C LYS B 427 9.55 8.91 -29.04
N MET B 428 10.82 8.57 -28.82
CA MET B 428 11.13 7.30 -28.16
C MET B 428 10.76 7.34 -26.69
N ALA B 429 10.90 8.50 -26.04
CA ALA B 429 10.45 8.62 -24.66
C ALA B 429 8.95 8.39 -24.53
N LEU B 430 8.18 8.88 -25.51
CA LEU B 430 6.73 8.69 -25.47
C LEU B 430 6.36 7.22 -25.47
N GLU B 431 7.19 6.37 -26.07
CA GLU B 431 6.95 4.94 -26.10
C GLU B 431 7.54 4.23 -24.89
N LYS B 432 8.78 4.58 -24.53
CA LYS B 432 9.57 3.83 -23.56
C LYS B 432 9.47 4.38 -22.15
N ILE B 433 9.69 5.68 -21.98
N ILE B 433 9.65 5.68 -21.97
CA ILE B 433 9.61 6.27 -20.65
CA ILE B 433 9.62 6.25 -20.63
C ILE B 433 8.18 6.25 -20.14
C ILE B 433 8.19 6.31 -20.11
N ALA B 434 7.24 6.70 -20.97
CA ALA B 434 5.85 6.79 -20.53
C ALA B 434 5.30 5.44 -20.09
N PHE B 435 5.81 4.34 -20.64
CA PHE B 435 5.28 3.03 -20.28
C PHE B 435 5.71 2.59 -18.89
N LEU B 436 6.88 3.05 -18.44
CA LEU B 436 7.48 2.50 -17.22
C LEU B 436 6.53 2.46 -16.03
N PRO B 437 5.85 3.54 -15.64
CA PRO B 437 4.94 3.44 -14.48
C PRO B 437 3.87 2.37 -14.65
N PHE B 438 3.28 2.28 -15.85
CA PHE B 438 2.24 1.28 -16.08
C PHE B 438 2.80 -0.12 -15.96
N GLY B 439 3.94 -0.38 -16.60
CA GLY B 439 4.56 -1.69 -16.49
C GLY B 439 4.86 -2.07 -15.05
N TYR B 440 5.11 -1.08 -14.20
CA TYR B 440 5.43 -1.36 -12.81
C TYR B 440 4.18 -1.63 -11.98
N LEU B 441 3.08 -0.91 -12.25
CA LEU B 441 1.95 -0.89 -11.33
C LEU B 441 0.98 -2.05 -11.54
N VAL B 442 0.90 -2.60 -12.76
CA VAL B 442 -0.14 -3.58 -13.05
C VAL B 442 -0.03 -4.78 -12.11
N ASP B 443 1.15 -5.36 -12.00
CA ASP B 443 1.31 -6.52 -11.13
C ASP B 443 1.38 -6.13 -9.66
N GLN B 444 1.69 -4.88 -9.33
CA GLN B 444 1.50 -4.43 -7.96
C GLN B 444 0.04 -4.54 -7.56
N TRP B 445 -0.87 -4.21 -8.48
CA TRP B 445 -2.29 -4.40 -8.22
C TRP B 445 -2.62 -5.87 -8.07
N ARG B 446 -2.17 -6.71 -9.01
CA ARG B 446 -2.52 -8.13 -8.94
C ARG B 446 -1.90 -8.82 -7.75
N TRP B 447 -0.65 -8.46 -7.40
CA TRP B 447 -0.06 -9.03 -6.20
C TRP B 447 -0.91 -8.73 -4.97
N GLY B 448 -1.51 -7.54 -4.93
CA GLY B 448 -2.39 -7.20 -3.82
C GLY B 448 -3.67 -8.01 -3.83
N VAL B 449 -4.21 -8.28 -5.01
CA VAL B 449 -5.42 -9.10 -5.11
C VAL B 449 -5.12 -10.52 -4.65
N PHE B 450 -4.03 -11.11 -5.17
CA PHE B 450 -3.67 -12.47 -4.79
C PHE B 450 -3.39 -12.57 -3.30
N SER B 451 -2.72 -11.57 -2.73
CA SER B 451 -2.35 -11.63 -1.32
C SER B 451 -3.55 -11.46 -0.39
N GLY B 452 -4.65 -10.90 -0.89
CA GLY B 452 -5.78 -10.56 -0.06
C GLY B 452 -5.78 -9.13 0.43
N ARG B 453 -4.68 -8.39 0.23
CA ARG B 453 -4.63 -6.99 0.62
C ARG B 453 -5.71 -6.18 -0.08
N THR B 454 -6.08 -6.59 -1.30
CA THR B 454 -7.06 -5.89 -2.13
C THR B 454 -8.25 -6.81 -2.35
N PRO B 455 -9.26 -6.76 -1.49
CA PRO B 455 -10.43 -7.62 -1.69
C PRO B 455 -11.27 -7.13 -2.85
N PRO B 456 -12.25 -7.92 -3.30
CA PRO B 456 -13.13 -7.45 -4.38
C PRO B 456 -13.73 -6.07 -4.13
N SER B 457 -14.00 -5.73 -2.87
CA SER B 457 -14.60 -4.45 -2.54
C SER B 457 -13.66 -3.27 -2.78
N ARG B 458 -12.41 -3.52 -3.15
CA ARG B 458 -11.45 -2.45 -3.42
C ARG B 458 -10.69 -2.64 -4.73
N TYR B 459 -11.21 -3.48 -5.63
CA TYR B 459 -10.56 -3.70 -6.92
C TYR B 459 -10.28 -2.37 -7.63
N ASN B 460 -11.29 -1.51 -7.73
CA ASN B 460 -11.13 -0.29 -8.53
C ASN B 460 -10.49 0.83 -7.70
N PHE B 461 -10.82 0.88 -6.41
CA PHE B 461 -10.18 1.82 -5.50
C PHE B 461 -8.67 1.67 -5.52
N ASP B 462 -8.16 0.44 -5.44
CA ASP B 462 -6.72 0.23 -5.42
C ASP B 462 -6.10 0.35 -6.79
N TRP B 463 -6.85 0.02 -7.85
CA TRP B 463 -6.35 0.20 -9.21
C TRP B 463 -6.08 1.67 -9.48
N TRP B 464 -7.04 2.55 -9.17
CA TRP B 464 -6.86 3.96 -9.48
C TRP B 464 -5.91 4.65 -8.51
N TYR B 465 -5.80 4.17 -7.28
CA TYR B 465 -4.73 4.65 -6.42
C TYR B 465 -3.38 4.47 -7.11
N LEU B 466 -3.13 3.28 -7.67
CA LEU B 466 -1.85 3.01 -8.30
C LEU B 466 -1.70 3.77 -9.61
N ARG B 467 -2.76 3.80 -10.42
CA ARG B 467 -2.72 4.55 -11.66
C ARG B 467 -2.33 6.02 -11.40
N THR B 468 -2.96 6.62 -10.40
CA THR B 468 -2.63 8.01 -10.06
C THR B 468 -1.26 8.09 -9.40
N LYS B 469 -0.94 7.16 -8.50
CA LYS B 469 0.35 7.22 -7.81
C LYS B 469 1.51 7.18 -8.81
N TYR B 470 1.44 6.29 -9.78
CA TYR B 470 2.57 6.07 -10.69
C TYR B 470 2.43 6.83 -12.00
N GLN B 471 1.30 6.69 -12.70
CA GLN B 471 1.15 7.34 -14.00
C GLN B 471 0.76 8.80 -13.88
N GLY B 472 0.18 9.22 -12.75
CA GLY B 472 -0.31 10.59 -12.68
C GLY B 472 -1.45 10.86 -13.63
N ILE B 473 -2.35 9.90 -13.79
CA ILE B 473 -3.56 10.08 -14.57
C ILE B 473 -4.76 9.92 -13.65
N CYS B 474 -5.91 10.38 -14.12
CA CYS B 474 -7.16 10.28 -13.39
C CYS B 474 -8.25 9.83 -14.35
N PRO B 475 -9.26 9.12 -13.86
CA PRO B 475 -10.38 8.74 -14.73
C PRO B 475 -11.15 9.97 -15.16
N PRO B 476 -11.53 10.06 -16.44
CA PRO B 476 -12.27 11.26 -16.90
C PRO B 476 -13.74 11.22 -16.56
N VAL B 477 -14.25 10.12 -16.04
CA VAL B 477 -15.59 10.03 -15.47
C VAL B 477 -15.47 9.36 -14.12
N THR B 478 -16.43 9.65 -13.25
CA THR B 478 -16.43 9.04 -11.93
C THR B 478 -16.51 7.52 -12.06
N ARG B 479 -15.76 6.82 -11.22
CA ARG B 479 -15.79 5.36 -11.16
C ARG B 479 -16.14 4.93 -9.75
N ASN B 480 -16.75 3.74 -9.65
CA ASN B 480 -17.06 3.14 -8.36
C ASN B 480 -16.73 1.65 -8.46
N GLU B 481 -17.07 0.90 -7.42
CA GLU B 481 -16.68 -0.50 -7.36
C GLU B 481 -17.58 -1.41 -8.19
N THR B 482 -18.63 -0.89 -8.82
CA THR B 482 -19.30 -1.66 -9.86
C THR B 482 -18.40 -1.79 -11.08
N HIS B 483 -17.56 -0.80 -11.32
CA HIS B 483 -16.61 -0.86 -12.42
C HIS B 483 -15.40 -1.70 -12.03
N PHE B 484 -14.81 -2.35 -13.03
CA PHE B 484 -13.64 -3.20 -12.85
C PHE B 484 -12.66 -2.82 -13.96
N ASP B 485 -12.05 -1.64 -13.81
CA ASP B 485 -11.28 -1.05 -14.90
C ASP B 485 -10.00 -1.83 -15.16
N ALA B 486 -9.47 -2.53 -14.15
CA ALA B 486 -8.33 -3.41 -14.40
C ALA B 486 -8.70 -4.53 -15.37
N GLY B 487 -9.95 -5.00 -15.30
CA GLY B 487 -10.40 -6.03 -16.21
C GLY B 487 -10.50 -5.58 -17.65
N ALA B 488 -10.48 -4.28 -17.90
CA ALA B 488 -10.49 -3.74 -19.26
C ALA B 488 -9.11 -3.78 -19.91
N LYS B 489 -8.13 -4.41 -19.28
CA LYS B 489 -6.78 -4.57 -19.80
C LYS B 489 -6.54 -6.04 -20.08
N PHE B 490 -6.22 -6.36 -21.34
CA PHE B 490 -6.15 -7.75 -21.80
C PHE B 490 -5.55 -8.72 -20.78
N HIS B 491 -4.40 -8.36 -20.22
CA HIS B 491 -3.62 -9.33 -19.44
C HIS B 491 -4.31 -9.78 -18.16
N VAL B 492 -5.29 -9.02 -17.66
CA VAL B 492 -5.94 -9.37 -16.40
C VAL B 492 -6.91 -10.53 -16.65
N PRO B 493 -7.92 -10.39 -17.51
CA PRO B 493 -8.77 -11.55 -17.81
C PRO B 493 -8.02 -12.73 -18.41
N ASN B 494 -6.97 -12.48 -19.19
CA ASN B 494 -6.19 -13.56 -19.76
C ASN B 494 -5.11 -14.07 -18.82
N VAL B 495 -5.02 -13.51 -17.61
CA VAL B 495 -4.11 -13.98 -16.58
C VAL B 495 -2.71 -14.12 -17.15
N THR B 496 -2.17 -13.04 -17.70
CA THR B 496 -0.79 -12.99 -18.16
C THR B 496 -0.03 -12.01 -17.28
N PRO B 497 1.03 -12.45 -16.59
CA PRO B 497 1.77 -11.51 -15.74
C PRO B 497 2.35 -10.35 -16.54
N TYR B 498 2.59 -9.24 -15.83
CA TYR B 498 2.95 -7.99 -16.47
C TYR B 498 4.31 -7.44 -16.05
N ILE B 499 4.82 -7.81 -14.88
CA ILE B 499 6.09 -7.23 -14.41
C ILE B 499 7.20 -7.53 -15.40
N ARG B 500 7.07 -8.63 -16.16
CA ARG B 500 8.02 -8.93 -17.23
C ARG B 500 8.24 -7.74 -18.16
N TYR B 501 7.22 -6.92 -18.37
CA TYR B 501 7.35 -5.80 -19.31
C TYR B 501 8.15 -4.65 -18.70
N PHE B 502 8.00 -4.40 -17.40
CA PHE B 502 8.87 -3.42 -16.76
C PHE B 502 10.32 -3.90 -16.78
N VAL B 503 10.53 -5.18 -16.52
CA VAL B 503 11.89 -5.73 -16.56
C VAL B 503 12.48 -5.58 -17.95
N SER B 504 11.70 -5.85 -18.99
CA SER B 504 12.24 -5.85 -20.35
C SER B 504 12.50 -4.44 -20.87
N PHE B 505 11.68 -3.47 -20.47
CA PHE B 505 11.91 -2.10 -20.90
C PHE B 505 13.22 -1.56 -20.35
N VAL B 506 13.65 -2.07 -19.20
CA VAL B 506 14.99 -1.73 -18.69
C VAL B 506 16.04 -2.62 -19.36
N LEU B 507 15.71 -3.91 -19.52
CA LEU B 507 16.71 -4.87 -19.99
C LEU B 507 17.10 -4.59 -21.44
N GLN B 508 16.14 -4.19 -22.27
CA GLN B 508 16.43 -4.01 -23.69
C GLN B 508 17.51 -2.97 -23.92
N PHE B 509 17.62 -1.99 -23.03
CA PHE B 509 18.69 -1.01 -23.18
C PHE B 509 20.03 -1.56 -22.71
N GLN B 510 20.01 -2.45 -21.71
CA GLN B 510 21.24 -3.19 -21.38
C GLN B 510 21.69 -4.05 -22.55
N PHE B 511 20.74 -4.74 -23.20
CA PHE B 511 21.07 -5.50 -24.41
C PHE B 511 21.56 -4.58 -25.50
N HIS B 512 20.86 -3.46 -25.71
CA HIS B 512 21.23 -2.55 -26.79
C HIS B 512 22.66 -2.06 -26.64
N GLU B 513 23.04 -1.63 -25.44
CA GLU B 513 24.39 -1.13 -25.23
C GLU B 513 25.42 -2.23 -25.47
N ALA B 514 25.12 -3.46 -25.04
CA ALA B 514 26.07 -4.55 -25.19
C ALA B 514 26.22 -4.96 -26.65
N LEU B 515 25.11 -5.01 -27.39
CA LEU B 515 25.18 -5.42 -28.78
C LEU B 515 25.85 -4.34 -29.64
N CYS B 516 25.62 -3.06 -29.31
CA CYS B 516 26.27 -1.99 -30.06
C CYS B 516 27.78 -1.99 -29.82
N LYS B 517 28.22 -2.29 -28.59
CA LYS B 517 29.64 -2.45 -28.34
C LYS B 517 30.18 -3.66 -29.11
N GLU B 518 29.43 -4.76 -29.13
CA GLU B 518 29.85 -5.94 -29.87
C GLU B 518 29.86 -5.69 -31.37
N ALA B 519 29.09 -4.74 -31.85
CA ALA B 519 29.07 -4.40 -33.28
C ALA B 519 30.20 -3.46 -33.67
N GLY B 520 30.96 -2.95 -32.71
CA GLY B 520 32.00 -1.99 -33.01
C GLY B 520 31.50 -0.56 -33.18
N TYR B 521 30.25 -0.29 -32.82
CA TYR B 521 29.71 1.05 -32.95
C TYR B 521 30.32 1.97 -31.89
N GLU B 522 30.69 3.18 -32.32
CA GLU B 522 31.33 4.14 -31.44
C GLU B 522 30.56 5.43 -31.26
N GLY B 523 29.48 5.65 -32.00
CA GLY B 523 28.72 6.87 -31.91
C GLY B 523 27.81 6.92 -30.71
N PRO B 524 26.90 7.89 -30.68
CA PRO B 524 25.95 7.97 -29.57
C PRO B 524 25.08 6.72 -29.50
N LEU B 525 24.79 6.29 -28.27
CA LEU B 525 24.06 5.04 -28.08
C LEU B 525 22.71 5.06 -28.78
N HIS B 526 22.05 6.22 -28.84
CA HIS B 526 20.70 6.28 -29.39
C HIS B 526 20.67 6.38 -30.91
N GLN B 527 21.82 6.45 -31.57
CA GLN B 527 21.90 6.41 -33.03
C GLN B 527 22.46 5.09 -33.54
N CYS B 528 22.65 4.11 -32.66
CA CYS B 528 23.25 2.84 -33.04
C CYS B 528 22.27 2.00 -33.86
N ASP B 529 22.83 1.20 -34.77
CA ASP B 529 22.04 0.28 -35.59
C ASP B 529 22.88 -0.98 -35.78
N ILE B 530 22.46 -2.09 -35.17
CA ILE B 530 23.20 -3.34 -35.22
C ILE B 530 22.83 -4.12 -36.49
N TYR B 531 22.08 -3.48 -37.38
CA TYR B 531 21.72 -4.11 -38.65
C TYR B 531 22.95 -4.71 -39.32
N ARG B 532 22.85 -6.00 -39.66
CA ARG B 532 23.87 -6.74 -40.38
C ARG B 532 25.14 -6.98 -39.56
N SER B 533 25.09 -6.80 -38.24
CA SER B 533 26.23 -7.12 -37.39
C SER B 533 26.16 -8.59 -37.00
N THR B 534 26.93 -9.43 -37.69
CA THR B 534 26.96 -10.85 -37.36
C THR B 534 27.58 -11.09 -35.99
N LYS B 535 28.47 -10.19 -35.55
CA LYS B 535 29.02 -10.31 -34.20
C LYS B 535 27.95 -10.09 -33.15
N ALA B 536 27.12 -9.07 -33.32
CA ALA B 536 26.02 -8.83 -32.39
C ALA B 536 25.03 -9.98 -32.41
N GLY B 537 24.72 -10.49 -33.61
CA GLY B 537 23.83 -11.63 -33.70
C GLY B 537 24.35 -12.85 -32.96
N ALA B 538 25.67 -13.04 -32.98
CA ALA B 538 26.27 -14.16 -32.27
C ALA B 538 26.06 -14.01 -30.77
N LYS B 539 26.34 -12.82 -30.23
CA LYS B 539 26.13 -12.58 -28.81
C LYS B 539 24.68 -12.83 -28.42
N LEU B 540 23.74 -12.34 -29.23
CA LEU B 540 22.33 -12.54 -28.93
C LEU B 540 21.93 -14.00 -29.09
N ARG B 541 22.51 -14.69 -30.08
CA ARG B 541 22.14 -16.08 -30.32
C ARG B 541 22.48 -16.94 -29.11
N LYS B 542 23.59 -16.64 -28.44
CA LYS B 542 23.96 -17.43 -27.25
C LYS B 542 22.88 -17.32 -26.18
N VAL B 543 22.34 -16.12 -25.97
CA VAL B 543 21.27 -15.96 -24.99
C VAL B 543 20.06 -16.78 -25.41
N LEU B 544 19.66 -16.68 -26.68
CA LEU B 544 18.43 -17.32 -27.13
C LEU B 544 18.53 -18.84 -27.04
N ARG B 545 19.66 -19.40 -27.45
CA ARG B 545 19.82 -20.85 -27.40
C ARG B 545 19.89 -21.39 -25.98
N ALA B 546 20.28 -20.55 -25.01
CA ALA B 546 20.39 -21.01 -23.63
C ALA B 546 19.03 -21.31 -23.02
N GLY B 547 17.98 -20.61 -23.47
CA GLY B 547 16.68 -20.78 -22.83
C GLY B 547 16.77 -20.49 -21.35
N SER B 548 16.17 -21.37 -20.55
CA SER B 548 16.24 -21.28 -19.10
C SER B 548 17.10 -22.39 -18.51
N SER B 549 18.13 -22.81 -19.25
CA SER B 549 19.04 -23.83 -18.73
C SER B 549 19.93 -23.28 -17.62
N ARG B 550 20.31 -22.01 -17.71
CA ARG B 550 21.16 -21.35 -16.74
C ARG B 550 20.39 -20.24 -16.03
N PRO B 551 20.77 -19.88 -14.80
CA PRO B 551 20.09 -18.76 -14.14
C PRO B 551 20.30 -17.46 -14.89
N TRP B 552 19.28 -16.62 -14.88
CA TRP B 552 19.31 -15.41 -15.70
C TRP B 552 20.45 -14.49 -15.30
N GLN B 553 20.85 -14.52 -14.02
CA GLN B 553 21.95 -13.66 -13.57
C GLN B 553 23.25 -14.04 -14.25
N GLU B 554 23.46 -15.34 -14.49
CA GLU B 554 24.67 -15.77 -15.18
C GLU B 554 24.60 -15.51 -16.68
N VAL B 555 23.43 -15.74 -17.29
CA VAL B 555 23.28 -15.44 -18.71
C VAL B 555 23.51 -13.96 -18.96
N LEU B 556 23.03 -13.11 -18.06
CA LEU B 556 23.16 -11.67 -18.25
C LEU B 556 24.61 -11.22 -18.18
N LYS B 557 25.34 -11.68 -17.15
CA LYS B 557 26.75 -11.31 -17.02
C LYS B 557 27.52 -11.67 -18.28
N ASP B 558 27.27 -12.86 -18.84
CA ASP B 558 27.98 -13.27 -20.04
C ASP B 558 27.72 -12.33 -21.21
N MET B 559 26.58 -11.63 -21.20
CA MET B 559 26.18 -10.80 -22.32
C MET B 559 26.53 -9.33 -22.12
N VAL B 560 26.18 -8.76 -20.97
CA VAL B 560 26.37 -7.34 -20.70
C VAL B 560 27.48 -7.07 -19.70
N GLY B 561 28.11 -8.11 -19.16
CA GLY B 561 29.14 -7.94 -18.17
C GLY B 561 28.63 -7.66 -16.76
N LEU B 562 27.33 -7.70 -16.55
CA LEU B 562 26.73 -7.44 -15.24
C LEU B 562 25.71 -8.54 -14.94
N ASP B 563 25.58 -8.88 -13.67
CA ASP B 563 24.71 -9.97 -13.23
C ASP B 563 23.39 -9.46 -12.66
N ALA B 564 22.95 -8.27 -13.02
CA ALA B 564 21.72 -7.73 -12.47
C ALA B 564 21.18 -6.64 -13.39
N LEU B 565 19.91 -6.32 -13.19
CA LEU B 565 19.27 -5.25 -13.93
C LEU B 565 19.91 -3.91 -13.58
N ASP B 566 20.03 -3.04 -14.59
CA ASP B 566 20.71 -1.76 -14.43
C ASP B 566 20.00 -0.73 -15.29
N ALA B 567 19.65 0.40 -14.67
CA ALA B 567 18.95 1.47 -15.38
C ALA B 567 19.89 2.40 -16.13
N GLN B 568 21.19 2.33 -15.86
CA GLN B 568 22.10 3.32 -16.43
C GLN B 568 22.08 3.33 -17.95
N PRO B 569 22.10 2.19 -18.65
CA PRO B 569 22.02 2.26 -20.12
C PRO B 569 20.78 2.98 -20.62
N LEU B 570 19.62 2.74 -20.00
CA LEU B 570 18.43 3.48 -20.36
C LEU B 570 18.62 4.97 -20.17
N LEU B 571 19.25 5.35 -19.05
CA LEU B 571 19.50 6.77 -18.80
C LEU B 571 20.49 7.34 -19.81
N LYS B 572 21.51 6.57 -20.17
CA LYS B 572 22.48 7.03 -21.17
C LYS B 572 21.79 7.25 -22.52
N TYR B 573 20.95 6.31 -22.93
CA TYR B 573 20.24 6.43 -24.20
C TYR B 573 19.48 7.75 -24.28
N PHE B 574 18.79 8.12 -23.21
CA PHE B 574 17.90 9.28 -23.21
C PHE B 574 18.54 10.55 -22.67
N GLN B 575 19.82 10.49 -22.29
CA GLN B 575 20.48 11.62 -21.63
C GLN B 575 20.10 12.98 -22.22
N LEU B 576 20.18 13.11 -23.55
CA LEU B 576 20.02 14.43 -24.16
C LEU B 576 18.61 14.96 -23.99
N VAL B 577 17.59 14.12 -24.18
CA VAL B 577 16.23 14.60 -24.05
C VAL B 577 15.85 14.76 -22.58
N THR B 578 16.47 13.98 -21.69
CA THR B 578 16.28 14.19 -20.26
C THR B 578 16.67 15.59 -19.86
N GLN B 579 17.84 16.04 -20.30
CA GLN B 579 18.29 17.39 -19.99
C GLN B 579 17.38 18.43 -20.65
N TRP B 580 17.01 18.21 -21.91
CA TRP B 580 16.17 19.17 -22.62
C TRP B 580 14.83 19.34 -21.93
N LEU B 581 14.19 18.23 -21.53
CA LEU B 581 12.88 18.31 -20.91
C LEU B 581 12.93 19.08 -19.61
N GLN B 582 13.97 18.85 -18.78
CA GLN B 582 14.12 19.62 -17.56
C GLN B 582 14.20 21.11 -17.86
N GLU B 583 15.01 21.48 -18.85
CA GLU B 583 15.14 22.89 -19.21
C GLU B 583 13.80 23.46 -19.67
N GLN B 584 13.11 22.73 -20.55
CA GLN B 584 11.79 23.19 -21.00
C GLN B 584 10.87 23.43 -19.82
N ASN B 585 10.78 22.46 -18.91
CA ASN B 585 9.84 22.55 -17.81
C ASN B 585 10.19 23.71 -16.87
N GLN B 586 11.49 23.94 -16.64
CA GLN B 586 11.90 25.07 -15.81
C GLN B 586 11.54 26.39 -16.47
N GLN B 587 11.78 26.52 -17.78
CA GLN B 587 11.42 27.74 -18.49
C GLN B 587 9.92 28.01 -18.40
N ASN B 588 9.10 26.97 -18.57
CA ASN B 588 7.65 27.12 -18.48
C ASN B 588 7.14 27.16 -17.05
N GLY B 589 8.02 27.13 -16.06
CA GLY B 589 7.58 27.15 -14.67
C GLY B 589 6.68 25.99 -14.30
N GLU B 590 6.91 24.82 -14.88
CA GLU B 590 6.06 23.68 -14.60
C GLU B 590 6.21 23.23 -13.16
N VAL B 591 5.18 22.56 -12.65
CA VAL B 591 5.24 21.82 -11.41
C VAL B 591 5.42 20.36 -11.77
N LEU B 592 6.51 19.75 -11.30
CA LEU B 592 6.72 18.33 -11.52
C LEU B 592 5.85 17.54 -10.56
N GLY B 593 5.16 16.54 -11.08
CA GLY B 593 4.21 15.79 -10.27
C GLY B 593 2.81 16.33 -10.41
N TRP B 594 1.94 15.83 -9.55
CA TRP B 594 0.51 16.15 -9.58
C TRP B 594 0.02 16.37 -8.15
N PRO B 595 0.48 17.45 -7.50
CA PRO B 595 0.11 17.67 -6.10
C PRO B 595 -1.39 17.78 -5.87
N GLU B 596 -2.15 18.24 -6.86
CA GLU B 596 -3.61 18.24 -6.77
C GLU B 596 -4.13 16.86 -7.17
N TYR B 597 -3.83 15.88 -6.30
CA TYR B 597 -4.09 14.48 -6.60
C TYR B 597 -5.57 14.16 -6.65
N GLN B 598 -6.42 14.99 -6.06
CA GLN B 598 -7.85 14.72 -5.99
C GLN B 598 -8.60 15.21 -7.23
N TRP B 599 -7.94 15.93 -8.12
CA TRP B 599 -8.65 16.60 -9.21
C TRP B 599 -9.11 15.62 -10.28
N HIS B 600 -10.34 15.81 -10.73
CA HIS B 600 -10.90 15.12 -11.89
C HIS B 600 -11.50 16.16 -12.83
N PRO B 601 -11.48 15.89 -14.14
CA PRO B 601 -12.05 16.85 -15.08
C PRO B 601 -13.57 16.83 -15.04
N PRO B 602 -14.22 17.92 -15.40
CA PRO B 602 -15.68 17.92 -15.49
C PRO B 602 -16.14 17.19 -16.74
N LEU B 603 -17.43 16.86 -16.76
CA LEU B 603 -17.99 16.24 -17.95
C LEU B 603 -18.20 17.27 -19.04
N PRO B 604 -18.08 16.88 -20.31
CA PRO B 604 -18.44 17.80 -21.40
C PRO B 604 -19.92 18.16 -21.35
N ASP B 605 -20.23 19.36 -21.81
CA ASP B 605 -21.62 19.81 -21.80
C ASP B 605 -22.48 18.89 -22.65
N ASN B 606 -23.64 18.50 -22.10
CA ASN B 606 -24.59 17.63 -22.79
C ASN B 606 -23.90 16.34 -23.26
N TYR B 607 -23.25 15.67 -22.32
CA TYR B 607 -22.62 14.38 -22.59
C TYR B 607 -23.44 13.25 -22.00
N PRO B 608 -23.66 12.13 -22.72
CA PRO B 608 -23.18 11.78 -24.06
C PRO B 608 -24.11 12.23 -25.18
N GLU B 609 -25.10 13.05 -24.84
CA GLU B 609 -26.13 13.44 -25.78
C GLU B 609 -25.55 14.29 -26.91
#